data_6YEC
#
_entry.id   6YEC
#
_cell.length_a   70.401
_cell.length_b   70.401
_cell.length_c   273.497
_cell.angle_alpha   90.000
_cell.angle_beta   90.000
_cell.angle_gamma   120.000
#
_symmetry.space_group_name_H-M   'P 32 2 1'
#
loop_
_entity.id
_entity.type
_entity.pdbx_description
1 polymer 'Putrescine-binding periplasmic protein'
2 non-polymer SPERMINE
3 non-polymer 1,2-ETHANEDIOL
4 non-polymer DI(HYDROXYETHYL)ETHER
5 non-polymer 'TRIETHYLENE GLYCOL'
6 non-polymer 'SULFATE ION'
7 non-polymer 'CHLORIDE ION'
8 non-polymer GLYCEROL
9 non-polymer 'TETRAETHYLENE GLYCOL'
10 water water
#
_entity_poly.entity_id   1
_entity_poly.type   'polypeptide(L)'
_entity_poly.pdbx_seq_one_letter_code
;AEQKTLHIYNWSDYIAPDTVANFEKETGIKVVYDVFDSNEVLEGKLMAGSTGFDLVVPSASFLERQLTAGVFQPLDKSKL
PEWKNLDPELLKLVAKHDPDNKFAMPYMWATTGIGYNVDKVKAVLGENAPVDSWDLILKPENLEKLKSCGVSFLDAPEEV
FATVLNYLGKDPNSTKADDYTGPATDLLLKLRPNIRYFHSSQYINDLANGDICVAIGWAGDVWQASNRAKEAKNGVNVSF
SIPKEGAMAFFDVFAMPADAKNKDEAYQFLNYLLRPDVVAHISDHVFYANANKAATPLVSAEVRENPGIYPPADVRAKLF
TLKVQDPKIDRVRTRAWTKVKSGKLEHHHHHH
;
_entity_poly.pdbx_strand_id   B,A
#
loop_
_chem_comp.id
_chem_comp.type
_chem_comp.name
_chem_comp.formula
CL non-polymer 'CHLORIDE ION' 'Cl -1'
EDO non-polymer 1,2-ETHANEDIOL 'C2 H6 O2'
GOL non-polymer GLYCEROL 'C3 H8 O3'
PEG non-polymer DI(HYDROXYETHYL)ETHER 'C4 H10 O3'
PG4 non-polymer 'TETRAETHYLENE GLYCOL' 'C8 H18 O5'
PGE non-polymer 'TRIETHYLENE GLYCOL' 'C6 H14 O4'
SO4 non-polymer 'SULFATE ION' 'O4 S -2'
SPM non-polymer SPERMINE 'C10 H26 N4'
#
# COMPACT_ATOMS: atom_id res chain seq x y z
N GLN A 3 3.00 5.30 -32.05
CA GLN A 3 2.87 3.85 -31.93
C GLN A 3 3.25 3.38 -30.53
N LYS A 4 4.20 4.06 -29.91
CA LYS A 4 4.71 3.59 -28.63
C LYS A 4 3.78 4.02 -27.50
N THR A 5 4.07 3.52 -26.31
CA THR A 5 3.18 3.68 -25.15
C THR A 5 3.91 4.39 -24.02
N LEU A 6 3.17 5.18 -23.25
CA LEU A 6 3.70 5.92 -22.11
C LEU A 6 3.02 5.43 -20.84
N HIS A 7 3.84 5.06 -19.85
CA HIS A 7 3.35 4.51 -18.59
C HIS A 7 3.55 5.54 -17.48
N ILE A 8 2.45 5.90 -16.82
CA ILE A 8 2.45 6.94 -15.79
C ILE A 8 1.92 6.34 -14.49
N TYR A 9 2.60 6.64 -13.39
CA TYR A 9 2.20 6.20 -12.06
C TYR A 9 2.03 7.44 -11.18
N ASN A 10 0.78 7.80 -10.91
CA ASN A 10 0.45 9.04 -10.21
C ASN A 10 -0.46 8.74 -9.03
N TRP A 11 -0.62 9.73 -8.16
CA TRP A 11 -1.58 9.62 -7.06
C TRP A 11 -3.01 9.53 -7.60
N SER A 12 -3.90 9.00 -6.77
CA SER A 12 -5.31 8.97 -7.13
C SER A 12 -5.90 10.37 -7.13
N ASP A 13 -6.86 10.61 -8.02
CA ASP A 13 -7.54 11.89 -8.13
C ASP A 13 -6.55 13.05 -8.18
N TYR A 14 -5.51 12.89 -9.01
CA TYR A 14 -4.42 13.85 -9.09
C TYR A 14 -4.23 14.34 -10.52
N ILE A 15 -5.29 14.29 -11.33
CA ILE A 15 -5.24 14.74 -12.71
C ILE A 15 -6.66 15.00 -13.17
N ALA A 16 -6.80 15.89 -14.15
CA ALA A 16 -8.12 16.17 -14.70
C ALA A 16 -8.61 14.98 -15.51
N PRO A 17 -9.93 14.80 -15.62
CA PRO A 17 -10.46 13.61 -16.31
C PRO A 17 -10.05 13.53 -17.78
N ASP A 18 -9.81 14.66 -18.43
CA ASP A 18 -9.54 14.68 -19.87
C ASP A 18 -8.09 15.04 -20.19
N THR A 19 -7.22 15.15 -19.19
CA THR A 19 -5.82 15.50 -19.45
C THR A 19 -5.15 14.47 -20.34
N VAL A 20 -5.29 13.19 -19.99
CA VAL A 20 -4.65 12.13 -20.77
C VAL A 20 -5.27 12.05 -22.16
N ALA A 21 -6.60 12.11 -22.25
CA ALA A 21 -7.27 12.00 -23.54
C ALA A 21 -6.86 13.13 -24.48
N ASN A 22 -6.78 14.35 -23.96
CA ASN A 22 -6.36 15.48 -24.79
C ASN A 22 -4.90 15.32 -25.23
N PHE A 23 -4.05 14.79 -24.35
CA PHE A 23 -2.66 14.56 -24.71
C PHE A 23 -2.53 13.51 -25.81
N GLU A 24 -3.33 12.44 -25.74
CA GLU A 24 -3.27 11.40 -26.76
C GLU A 24 -3.69 11.93 -28.12
N LYS A 25 -4.74 12.76 -28.16
CA LYS A 25 -5.21 13.30 -29.42
C LYS A 25 -4.19 14.25 -30.05
N GLU A 26 -3.43 14.97 -29.22
CA GLU A 26 -2.48 15.93 -29.75
C GLU A 26 -1.22 15.26 -30.29
N THR A 27 -0.76 14.19 -29.63
CA THR A 27 0.51 13.57 -29.96
C THR A 27 0.39 12.21 -30.62
N GLY A 28 -0.74 11.53 -30.48
CA GLY A 28 -0.87 10.17 -30.98
C GLY A 28 -0.22 9.13 -30.10
N ILE A 29 0.18 9.48 -28.89
CA ILE A 29 0.82 8.55 -27.97
C ILE A 29 -0.25 7.93 -27.08
N LYS A 30 -0.27 6.61 -27.00
CA LYS A 30 -1.17 5.91 -26.10
C LYS A 30 -0.58 5.93 -24.69
N VAL A 31 -1.39 6.33 -23.72
CA VAL A 31 -0.96 6.48 -22.33
C VAL A 31 -1.73 5.48 -21.49
N VAL A 32 -1.00 4.65 -20.73
CA VAL A 32 -1.58 3.78 -19.72
C VAL A 32 -1.33 4.41 -18.36
N TYR A 33 -2.40 4.57 -17.57
CA TYR A 33 -2.39 5.40 -16.38
C TYR A 33 -2.79 4.55 -15.18
N ASP A 34 -1.87 4.39 -14.23
CA ASP A 34 -2.13 3.67 -12.99
C ASP A 34 -1.99 4.61 -11.81
N VAL A 35 -2.54 4.20 -10.67
CA VAL A 35 -2.73 5.09 -9.54
C VAL A 35 -2.27 4.41 -8.25
N PHE A 36 -1.72 5.21 -7.34
CA PHE A 36 -1.30 4.75 -6.02
C PHE A 36 -1.77 5.76 -4.99
N ASP A 37 -1.70 5.38 -3.71
CA ASP A 37 -2.23 6.20 -2.63
C ASP A 37 -1.26 6.38 -1.47
N SER A 38 0.03 6.07 -1.67
CA SER A 38 0.97 6.18 -0.57
C SER A 38 2.38 6.35 -1.11
N ASN A 39 3.18 7.18 -0.42
CA ASN A 39 4.58 7.33 -0.78
C ASN A 39 5.36 6.04 -0.54
N GLU A 40 4.99 5.29 0.51
CA GLU A 40 5.71 4.05 0.81
C GLU A 40 5.43 2.99 -0.24
N VAL A 41 4.25 3.01 -0.86
CA VAL A 41 3.93 2.04 -1.91
C VAL A 41 4.77 2.33 -3.15
N LEU A 42 4.83 3.60 -3.56
CA LEU A 42 5.66 3.97 -4.71
C LEU A 42 7.14 3.73 -4.42
N GLU A 43 7.60 4.18 -3.25
CA GLU A 43 8.99 3.93 -2.86
C GLU A 43 9.28 2.45 -2.77
N GLY A 44 8.27 1.63 -2.46
CA GLY A 44 8.46 0.20 -2.46
C GLY A 44 8.75 -0.37 -3.84
N LYS A 45 7.89 -0.04 -4.81
CA LYS A 45 8.11 -0.51 -6.18
C LYS A 45 9.38 0.07 -6.77
N LEU A 46 9.78 1.27 -6.34
CA LEU A 46 10.98 1.88 -6.88
C LEU A 46 12.24 1.16 -6.39
N MET A 47 12.25 0.74 -5.12
CA MET A 47 13.43 0.12 -4.54
C MET A 47 13.44 -1.40 -4.70
N ALA A 48 12.27 -2.04 -4.77
CA ALA A 48 12.21 -3.49 -4.88
C ALA A 48 12.69 -3.99 -6.22
N GLY A 49 12.72 -3.14 -7.24
CA GLY A 49 13.14 -3.56 -8.56
C GLY A 49 12.61 -2.59 -9.61
N SER A 50 12.32 -3.14 -10.78
CA SER A 50 11.80 -2.33 -11.88
C SER A 50 10.37 -1.90 -11.59
N THR A 51 10.09 -0.61 -11.80
CA THR A 51 8.75 -0.09 -11.58
C THR A 51 7.83 -0.32 -12.78
N GLY A 52 8.39 -0.53 -13.97
CA GLY A 52 7.58 -0.68 -15.16
C GLY A 52 6.89 0.57 -15.64
N PHE A 53 7.30 1.75 -15.15
CA PHE A 53 6.69 3.01 -15.52
C PHE A 53 7.74 3.94 -16.11
N ASP A 54 7.27 4.88 -16.94
CA ASP A 54 8.13 5.90 -17.51
C ASP A 54 8.12 7.19 -16.72
N LEU A 55 7.05 7.45 -15.97
CA LEU A 55 6.93 8.63 -15.13
C LEU A 55 6.28 8.25 -13.81
N VAL A 56 6.81 8.76 -12.71
CA VAL A 56 6.25 8.56 -11.38
C VAL A 56 6.15 9.90 -10.68
N VAL A 57 5.26 9.97 -9.70
CA VAL A 57 5.00 11.24 -9.00
C VAL A 57 5.21 11.06 -7.51
N PRO A 58 6.45 11.05 -7.03
CA PRO A 58 6.70 11.00 -5.59
C PRO A 58 6.72 12.39 -4.97
N SER A 59 6.63 12.42 -3.65
CA SER A 59 6.84 13.65 -2.92
C SER A 59 8.32 14.03 -2.95
N ALA A 60 8.59 15.33 -2.89
CA ALA A 60 9.96 15.82 -3.00
C ALA A 60 10.83 15.29 -1.86
N SER A 61 10.27 15.19 -0.66
CA SER A 61 11.04 14.70 0.48
C SER A 61 11.42 13.25 0.32
N PHE A 62 10.56 12.44 -0.32
CA PHE A 62 10.91 11.05 -0.59
C PHE A 62 11.83 10.91 -1.78
N LEU A 63 11.72 11.79 -2.77
CA LEU A 63 12.63 11.74 -3.92
C LEU A 63 14.07 11.94 -3.49
N GLU A 64 14.29 12.83 -2.52
CA GLU A 64 15.64 13.05 -2.00
C GLU A 64 16.25 11.75 -1.49
N ARG A 65 15.47 10.96 -0.73
CA ARG A 65 15.95 9.67 -0.26
C ARG A 65 16.16 8.71 -1.41
N GLN A 66 15.28 8.76 -2.41
CA GLN A 66 15.40 7.85 -3.56
C GLN A 66 16.56 8.25 -4.47
N LEU A 67 16.97 9.52 -4.46
CA LEU A 67 18.11 9.93 -5.28
C LEU A 67 19.39 9.25 -4.82
N THR A 68 19.53 9.01 -3.52
CA THR A 68 20.73 8.36 -3.00
C THR A 68 20.89 6.94 -3.51
N ALA A 69 19.80 6.33 -3.98
CA ALA A 69 19.84 4.99 -4.54
C ALA A 69 20.01 4.98 -6.06
N GLY A 70 20.02 6.15 -6.69
CA GLY A 70 20.21 6.23 -8.13
C GLY A 70 19.04 5.69 -8.93
N VAL A 71 17.83 5.74 -8.38
CA VAL A 71 16.66 5.16 -9.05
C VAL A 71 16.11 6.06 -10.15
N PHE A 72 16.50 7.33 -10.20
CA PHE A 72 15.99 8.27 -11.19
C PHE A 72 17.08 8.71 -12.14
N GLN A 73 16.65 9.22 -13.30
CA GLN A 73 17.47 9.76 -14.38
C GLN A 73 17.35 11.27 -14.41
N PRO A 74 18.47 11.98 -14.57
CA PRO A 74 18.40 13.46 -14.65
C PRO A 74 17.61 13.92 -15.86
N LEU A 75 16.76 14.92 -15.65
CA LEU A 75 15.89 15.42 -16.70
C LEU A 75 16.68 16.30 -17.66
N ASP A 76 16.53 16.02 -18.96
CA ASP A 76 17.15 16.85 -20.00
C ASP A 76 16.31 18.11 -20.15
N LYS A 77 16.81 19.22 -19.61
CA LYS A 77 16.06 20.48 -19.65
C LYS A 77 15.90 21.00 -21.07
N SER A 78 16.78 20.62 -22.00
CA SER A 78 16.64 21.05 -23.38
C SER A 78 15.38 20.48 -24.03
N LYS A 79 14.85 19.36 -23.52
CA LYS A 79 13.61 18.80 -24.01
C LYS A 79 12.39 19.30 -23.25
N LEU A 80 12.58 20.26 -22.34
CA LEU A 80 11.49 20.87 -21.58
C LEU A 80 11.58 22.39 -21.72
N PRO A 81 11.26 22.92 -22.90
CA PRO A 81 11.39 24.37 -23.09
C PRO A 81 10.44 25.19 -22.22
N GLU A 82 9.26 24.66 -21.90
CA GLU A 82 8.30 25.36 -21.06
C GLU A 82 8.65 25.30 -19.58
N TRP A 83 9.86 24.85 -19.24
CA TRP A 83 10.30 24.83 -17.84
C TRP A 83 10.27 26.22 -17.24
N LYS A 84 10.42 27.26 -18.06
CA LYS A 84 10.40 28.64 -17.58
C LYS A 84 9.08 29.00 -16.91
N ASN A 85 7.98 28.31 -17.24
CA ASN A 85 6.69 28.63 -16.66
C ASN A 85 6.61 28.29 -15.19
N LEU A 86 7.52 27.48 -14.67
CA LEU A 86 7.47 27.06 -13.28
C LEU A 86 7.83 28.23 -12.35
N ASP A 87 7.24 28.21 -11.17
CA ASP A 87 7.53 29.22 -10.15
C ASP A 87 8.98 29.08 -9.69
N PRO A 88 9.81 30.12 -9.81
CA PRO A 88 11.20 29.99 -9.36
C PRO A 88 11.34 29.78 -7.86
N GLU A 89 10.45 30.38 -7.06
CA GLU A 89 10.53 30.21 -5.61
C GLU A 89 10.23 28.78 -5.21
N LEU A 90 9.24 28.15 -5.86
CA LEU A 90 8.94 26.76 -5.58
C LEU A 90 10.05 25.83 -6.04
N LEU A 91 10.72 26.17 -7.15
CA LEU A 91 11.89 25.41 -7.58
C LEU A 91 12.98 25.44 -6.51
N LYS A 92 13.18 26.59 -5.88
CA LYS A 92 14.19 26.70 -4.82
C LYS A 92 13.83 25.82 -3.62
N LEU A 93 12.55 25.77 -3.27
CA LEU A 93 12.13 24.92 -2.15
C LEU A 93 12.32 23.45 -2.48
N VAL A 94 11.96 23.04 -3.70
CA VAL A 94 12.18 21.65 -4.10
C VAL A 94 13.67 21.36 -4.24
N ALA A 95 14.47 22.39 -4.56
CA ALA A 95 15.90 22.20 -4.74
C ALA A 95 16.59 21.71 -3.48
N LYS A 96 15.99 21.93 -2.30
CA LYS A 96 16.59 21.40 -1.08
C LYS A 96 16.58 19.88 -1.06
N HIS A 97 15.62 19.25 -1.74
CA HIS A 97 15.60 17.81 -1.90
C HIS A 97 16.26 17.35 -3.20
N ASP A 98 16.23 18.20 -4.23
CA ASP A 98 16.75 17.87 -5.55
C ASP A 98 17.66 19.01 -5.97
N PRO A 99 18.94 18.96 -5.60
CA PRO A 99 19.84 20.09 -5.86
C PRO A 99 19.88 20.47 -7.34
N ASP A 100 19.73 21.77 -7.60
CA ASP A 100 19.71 22.35 -8.93
C ASP A 100 18.57 21.81 -9.80
N ASN A 101 17.57 21.21 -9.16
CA ASN A 101 16.36 20.72 -9.84
C ASN A 101 16.71 19.79 -11.01
N LYS A 102 17.62 18.85 -10.76
CA LYS A 102 18.13 18.01 -11.83
C LYS A 102 17.22 16.83 -12.14
N PHE A 103 16.42 16.38 -11.17
CA PHE A 103 15.65 15.15 -11.32
C PHE A 103 14.14 15.33 -11.28
N ALA A 104 13.63 16.41 -10.68
CA ALA A 104 12.21 16.51 -10.36
C ALA A 104 11.60 17.74 -11.02
N MET A 105 10.41 17.55 -11.61
CA MET A 105 9.61 18.66 -12.11
C MET A 105 8.48 18.90 -11.13
N PRO A 106 8.44 20.04 -10.44
CA PRO A 106 7.34 20.30 -9.50
C PRO A 106 5.98 20.27 -10.19
N TYR A 107 5.06 19.52 -9.61
CA TYR A 107 3.74 19.29 -10.20
C TYR A 107 2.65 19.98 -9.38
N MET A 108 2.37 19.51 -8.17
CA MET A 108 1.40 20.13 -7.28
C MET A 108 2.00 20.27 -5.89
N TRP A 109 1.41 21.18 -5.11
CA TRP A 109 1.86 21.38 -3.74
C TRP A 109 0.68 21.84 -2.89
N ALA A 110 0.72 21.47 -1.62
CA ALA A 110 -0.33 21.84 -0.67
C ALA A 110 0.25 21.74 0.74
N THR A 111 -0.61 21.70 1.74
CA THR A 111 -0.20 21.68 3.14
C THR A 111 -0.91 20.56 3.88
N THR A 112 -0.35 20.19 5.04
CA THR A 112 -0.96 19.23 5.95
C THR A 112 -1.61 20.02 7.07
N GLY A 113 -2.95 20.08 7.07
CA GLY A 113 -3.69 20.86 8.03
C GLY A 113 -4.85 20.08 8.61
N ILE A 114 -5.93 20.81 8.90
CA ILE A 114 -7.10 20.27 9.59
C ILE A 114 -8.30 20.39 8.67
N GLY A 115 -8.87 19.25 8.30
CA GLY A 115 -10.16 19.22 7.65
C GLY A 115 -11.23 18.89 8.68
N TYR A 116 -12.35 19.62 8.61
CA TYR A 116 -13.34 19.51 9.67
C TYR A 116 -14.73 19.84 9.13
N ASN A 117 -15.73 19.27 9.80
CA ASN A 117 -17.13 19.60 9.53
C ASN A 117 -17.49 20.88 10.29
N VAL A 118 -17.85 21.93 9.56
CA VAL A 118 -18.07 23.23 10.17
C VAL A 118 -19.19 23.18 11.21
N ASP A 119 -20.31 22.57 10.85
CA ASP A 119 -21.46 22.57 11.74
C ASP A 119 -21.23 21.68 12.96
N LYS A 120 -20.58 20.54 12.77
CA LYS A 120 -20.36 19.62 13.89
C LYS A 120 -19.34 20.19 14.88
N VAL A 121 -18.27 20.81 14.36
CA VAL A 121 -17.27 21.40 15.24
C VAL A 121 -17.86 22.57 16.03
N LYS A 122 -18.63 23.42 15.37
CA LYS A 122 -19.23 24.56 16.06
C LYS A 122 -20.31 24.13 17.04
N ALA A 123 -20.95 22.98 16.79
CA ALA A 123 -21.94 22.48 17.74
C ALA A 123 -21.26 21.96 19.01
N VAL A 124 -20.04 21.44 18.88
CA VAL A 124 -19.34 20.84 20.02
C VAL A 124 -18.50 21.87 20.77
N LEU A 125 -17.74 22.69 20.04
CA LEU A 125 -16.80 23.63 20.64
C LEU A 125 -17.29 25.07 20.58
N GLY A 126 -18.53 25.30 20.16
CA GLY A 126 -19.08 26.65 20.12
C GLY A 126 -18.76 27.38 18.83
N GLU A 127 -19.39 28.54 18.68
CA GLU A 127 -19.15 29.38 17.51
C GLU A 127 -17.71 29.89 17.47
N ASN A 128 -17.09 30.08 18.63
CA ASN A 128 -15.71 30.52 18.72
C ASN A 128 -14.72 29.36 18.76
N ALA A 129 -15.05 28.25 18.09
CA ALA A 129 -14.14 27.11 18.05
C ALA A 129 -12.82 27.52 17.43
N PRO A 130 -11.69 27.12 18.01
CA PRO A 130 -10.38 27.56 17.50
C PRO A 130 -9.99 26.84 16.22
N VAL A 131 -10.78 27.03 15.16
CA VAL A 131 -10.49 26.41 13.88
C VAL A 131 -9.25 26.98 13.22
N ASP A 132 -8.72 28.09 13.72
CA ASP A 132 -7.52 28.71 13.19
C ASP A 132 -6.25 28.27 13.91
N SER A 133 -6.31 27.18 14.68
CA SER A 133 -5.19 26.76 15.49
C SER A 133 -5.18 25.25 15.62
N TRP A 134 -3.99 24.68 15.83
CA TRP A 134 -3.86 23.26 16.12
C TRP A 134 -4.46 22.88 17.46
N ASP A 135 -4.82 23.85 18.29
CA ASP A 135 -5.54 23.56 19.53
C ASP A 135 -6.84 22.80 19.27
N LEU A 136 -7.41 22.98 18.08
CA LEU A 136 -8.68 22.33 17.74
C LEU A 136 -8.56 20.81 17.82
N ILE A 137 -7.41 20.26 17.44
CA ILE A 137 -7.25 18.82 17.34
C ILE A 137 -6.09 18.29 18.17
N LEU A 138 -5.13 19.11 18.57
CA LEU A 138 -3.98 18.64 19.34
C LEU A 138 -4.09 18.92 20.83
N LYS A 139 -5.14 19.62 21.27
CA LYS A 139 -5.30 19.81 22.70
C LYS A 139 -6.27 18.78 23.24
N PRO A 140 -5.90 18.06 24.31
CA PRO A 140 -6.73 16.91 24.73
C PRO A 140 -8.16 17.25 25.08
N GLU A 141 -8.39 18.37 25.79
CA GLU A 141 -9.76 18.70 26.18
C GLU A 141 -10.65 18.97 24.97
N ASN A 142 -10.08 19.50 23.89
CA ASN A 142 -10.86 19.68 22.67
C ASN A 142 -11.11 18.35 21.98
N LEU A 143 -10.09 17.49 21.90
CA LEU A 143 -10.25 16.21 21.20
C LEU A 143 -11.17 15.27 21.96
N GLU A 144 -11.20 15.36 23.29
CA GLU A 144 -12.08 14.50 24.07
C GLU A 144 -13.56 14.78 23.79
N LYS A 145 -13.90 16.04 23.49
CA LYS A 145 -15.28 16.37 23.18
C LYS A 145 -15.62 16.11 21.72
N LEU A 146 -14.64 16.26 20.82
CA LEU A 146 -14.82 15.90 19.42
C LEU A 146 -14.76 14.39 19.18
N LYS A 147 -14.41 13.61 20.21
CA LYS A 147 -14.30 12.17 20.06
C LYS A 147 -15.62 11.54 19.60
N SER A 148 -16.75 12.10 20.03
CA SER A 148 -18.04 11.47 19.75
C SER A 148 -18.42 11.56 18.27
N CYS A 149 -17.90 12.56 17.55
CA CYS A 149 -18.25 12.74 16.14
C CYS A 149 -17.18 12.22 15.18
N GLY A 150 -16.08 11.68 15.69
CA GLY A 150 -15.10 11.04 14.82
C GLY A 150 -13.86 11.86 14.58
N VAL A 151 -12.71 11.30 14.97
CA VAL A 151 -11.41 11.93 14.79
C VAL A 151 -10.49 10.96 14.06
N SER A 152 -9.82 11.45 13.02
CA SER A 152 -8.87 10.63 12.27
C SER A 152 -7.58 11.39 12.06
N PHE A 153 -6.46 10.68 12.18
CA PHE A 153 -5.14 11.22 11.91
C PHE A 153 -4.56 10.55 10.66
N LEU A 154 -3.66 11.25 9.99
CA LEU A 154 -2.91 10.64 8.91
C LEU A 154 -2.06 9.49 9.43
N ASP A 155 -1.89 8.46 8.60
CA ASP A 155 -0.95 7.39 8.90
C ASP A 155 0.43 7.73 8.32
N ALA A 156 0.91 8.91 8.72
CA ALA A 156 2.17 9.47 8.24
C ALA A 156 2.95 9.97 9.45
N PRO A 157 3.82 9.14 10.02
CA PRO A 157 4.54 9.55 11.23
C PRO A 157 5.43 10.76 11.03
N GLU A 158 6.06 10.88 9.86
CA GLU A 158 6.95 12.01 9.61
C GLU A 158 6.19 13.34 9.62
N GLU A 159 4.96 13.34 9.10
CA GLU A 159 4.17 14.56 9.06
C GLU A 159 3.56 14.88 10.42
N VAL A 160 3.05 13.85 11.12
CA VAL A 160 2.39 14.08 12.40
C VAL A 160 3.40 14.52 13.46
N PHE A 161 4.55 13.84 13.53
CA PHE A 161 5.57 14.20 14.51
C PHE A 161 6.10 15.61 14.26
N ALA A 162 6.34 15.96 12.99
CA ALA A 162 6.78 17.32 12.67
C ALA A 162 5.73 18.34 13.07
N THR A 163 4.45 18.01 12.88
CA THR A 163 3.38 18.90 13.30
C THR A 163 3.31 19.03 14.81
N VAL A 164 3.43 17.90 15.53
CA VAL A 164 3.39 17.93 16.99
C VAL A 164 4.59 18.70 17.54
N LEU A 165 5.78 18.46 16.99
CA LEU A 165 6.97 19.16 17.45
C LEU A 165 6.85 20.67 17.24
N ASN A 166 6.34 21.08 16.08
CA ASN A 166 6.13 22.51 15.84
C ASN A 166 5.07 23.07 16.78
N TYR A 167 4.03 22.30 17.05
CA TYR A 167 2.99 22.75 17.97
C TYR A 167 3.54 22.93 19.38
N LEU A 168 4.47 22.06 19.80
CA LEU A 168 5.06 22.13 21.12
C LEU A 168 6.21 23.14 21.21
N GLY A 169 6.44 23.92 20.17
CA GLY A 169 7.51 24.90 20.18
C GLY A 169 8.89 24.36 19.88
N LYS A 170 9.00 23.10 19.50
CA LYS A 170 10.28 22.50 19.15
C LYS A 170 10.56 22.66 17.66
N ASP A 171 11.76 22.26 17.27
CA ASP A 171 12.12 22.23 15.86
C ASP A 171 11.24 21.21 15.14
N PRO A 172 10.48 21.61 14.12
CA PRO A 172 9.67 20.63 13.38
C PRO A 172 10.50 19.50 12.79
N ASN A 173 11.77 19.75 12.47
CA ASN A 173 12.66 18.72 11.97
C ASN A 173 13.74 18.43 13.01
N SER A 174 13.34 18.28 14.27
CA SER A 174 14.29 18.06 15.35
C SER A 174 15.09 16.78 15.11
N THR A 175 16.39 16.85 15.41
CA THR A 175 17.27 15.70 15.30
C THR A 175 17.55 15.04 16.64
N LYS A 176 16.82 15.41 17.69
CA LYS A 176 16.98 14.82 19.01
C LYS A 176 15.91 13.75 19.22
N ALA A 177 16.36 12.51 19.44
CA ALA A 177 15.43 11.39 19.59
C ALA A 177 14.53 11.58 20.81
N ASP A 178 15.04 12.21 21.87
CA ASP A 178 14.23 12.40 23.07
C ASP A 178 13.03 13.31 22.82
N ASP A 179 13.11 14.19 21.81
CA ASP A 179 11.97 15.01 21.46
C ASP A 179 10.82 14.15 20.93
N TYR A 180 11.15 13.07 20.22
CA TYR A 180 10.12 12.20 19.66
C TYR A 180 9.57 11.25 20.72
N THR A 181 10.46 10.56 21.44
CA THR A 181 10.02 9.62 22.46
C THR A 181 9.48 10.30 23.71
N GLY A 182 9.87 11.55 23.96
CA GLY A 182 9.44 12.26 25.14
C GLY A 182 8.16 13.03 24.94
N PRO A 183 8.29 14.36 24.80
CA PRO A 183 7.08 15.21 24.76
C PRO A 183 6.16 14.93 23.58
N ALA A 184 6.71 14.62 22.41
CA ALA A 184 5.87 14.34 21.25
C ALA A 184 5.03 13.09 21.46
N THR A 185 5.65 12.01 21.95
CA THR A 185 4.92 10.78 22.22
C THR A 185 3.94 10.97 23.37
N ASP A 186 4.34 11.73 24.39
CA ASP A 186 3.46 11.98 25.54
C ASP A 186 2.16 12.65 25.10
N LEU A 187 2.28 13.70 24.27
CA LEU A 187 1.07 14.38 23.78
C LEU A 187 0.23 13.45 22.91
N LEU A 188 0.87 12.67 22.04
CA LEU A 188 0.14 11.77 21.15
C LEU A 188 -0.61 10.70 21.94
N LEU A 189 -0.02 10.22 23.05
CA LEU A 189 -0.70 9.22 23.86
C LEU A 189 -1.88 9.81 24.61
N LYS A 190 -1.81 11.09 24.98
CA LYS A 190 -2.97 11.75 25.58
C LYS A 190 -4.11 11.89 24.58
N LEU A 191 -3.77 12.14 23.31
CA LEU A 191 -4.77 12.30 22.27
C LEU A 191 -5.26 10.97 21.71
N ARG A 192 -4.49 9.89 21.90
CA ARG A 192 -4.81 8.62 21.27
C ARG A 192 -6.20 8.08 21.59
N PRO A 193 -6.67 8.03 22.84
CA PRO A 193 -7.98 7.43 23.11
C PRO A 193 -9.14 8.12 22.41
N ASN A 194 -8.95 9.32 21.87
CA ASN A 194 -10.01 10.05 21.20
C ASN A 194 -9.94 9.93 19.68
N ILE A 195 -8.93 9.27 19.14
CA ILE A 195 -8.77 9.12 17.70
C ILE A 195 -9.44 7.84 17.25
N ARG A 196 -10.26 7.93 16.22
CA ARG A 196 -11.00 6.75 15.74
C ARG A 196 -10.09 5.82 14.94
N TYR A 197 -9.32 6.37 13.99
CA TYR A 197 -8.43 5.55 13.18
C TYR A 197 -7.32 6.42 12.61
N PHE A 198 -6.25 5.76 12.19
CA PHE A 198 -5.13 6.38 11.49
C PHE A 198 -5.16 5.92 10.05
N HIS A 199 -5.40 6.85 9.13
CA HIS A 199 -5.51 6.51 7.72
C HIS A 199 -5.28 7.77 6.89
N SER A 200 -4.71 7.58 5.70
CA SER A 200 -4.30 8.70 4.86
C SER A 200 -5.20 8.90 3.64
N SER A 201 -6.36 8.25 3.59
CA SER A 201 -7.26 8.44 2.45
C SER A 201 -8.71 8.23 2.85
N GLN A 202 -8.96 7.42 3.88
CA GLN A 202 -10.33 7.15 4.30
C GLN A 202 -11.02 8.40 4.83
N TYR A 203 -10.26 9.35 5.36
CA TYR A 203 -10.86 10.56 5.93
C TYR A 203 -11.56 11.41 4.87
N ILE A 204 -11.24 11.22 3.59
CA ILE A 204 -11.87 12.01 2.54
C ILE A 204 -13.36 11.73 2.46
N ASN A 205 -13.72 10.47 2.22
CA ASN A 205 -15.13 10.11 2.14
C ASN A 205 -15.83 10.28 3.48
N ASP A 206 -15.14 10.01 4.58
CA ASP A 206 -15.76 10.15 5.90
C ASP A 206 -16.07 11.60 6.22
N LEU A 207 -15.24 12.54 5.77
CA LEU A 207 -15.57 13.95 5.91
C LEU A 207 -16.74 14.33 5.01
N ALA A 208 -16.77 13.78 3.79
CA ALA A 208 -17.80 14.15 2.83
C ALA A 208 -19.19 13.68 3.28
N ASN A 209 -19.29 12.47 3.82
CA ASN A 209 -20.58 11.93 4.22
C ASN A 209 -20.93 12.24 5.67
N GLY A 210 -20.03 12.83 6.43
CA GLY A 210 -20.31 13.21 7.81
C GLY A 210 -19.99 12.16 8.85
N ASP A 211 -19.24 11.11 8.50
CA ASP A 211 -18.91 10.08 9.49
C ASP A 211 -17.85 10.57 10.47
N ILE A 212 -16.99 11.50 10.05
CA ILE A 212 -16.01 12.11 10.94
C ILE A 212 -16.17 13.62 10.88
N CYS A 213 -15.80 14.28 11.98
CA CYS A 213 -15.97 15.72 12.12
C CYS A 213 -14.68 16.51 12.06
N VAL A 214 -13.53 15.86 12.25
CA VAL A 214 -12.24 16.54 12.22
C VAL A 214 -11.18 15.53 11.80
N ALA A 215 -10.18 16.00 11.05
CA ALA A 215 -9.18 15.10 10.50
C ALA A 215 -7.92 15.88 10.17
N ILE A 216 -6.78 15.29 10.47
CA ILE A 216 -5.50 15.75 9.92
C ILE A 216 -5.43 15.23 8.49
N GLY A 217 -5.32 16.14 7.54
CA GLY A 217 -5.34 15.74 6.14
C GLY A 217 -4.65 16.75 5.25
N TRP A 218 -4.43 16.34 4.01
CA TRP A 218 -3.84 17.21 3.02
C TRP A 218 -4.90 18.10 2.40
N ALA A 219 -4.51 19.34 2.09
CA ALA A 219 -5.47 20.38 1.71
C ALA A 219 -6.37 19.94 0.56
N GLY A 220 -5.78 19.59 -0.58
CA GLY A 220 -6.57 19.23 -1.75
C GLY A 220 -7.50 18.06 -1.51
N ASP A 221 -7.08 17.11 -0.67
CA ASP A 221 -7.97 16.00 -0.33
C ASP A 221 -9.19 16.49 0.43
N VAL A 222 -9.00 17.41 1.37
CA VAL A 222 -10.12 17.95 2.14
C VAL A 222 -11.06 18.75 1.24
N TRP A 223 -10.50 19.54 0.33
CA TRP A 223 -11.33 20.32 -0.58
C TRP A 223 -12.07 19.41 -1.56
N GLN A 224 -11.45 18.31 -1.98
CA GLN A 224 -12.17 17.33 -2.80
C GLN A 224 -13.31 16.69 -2.00
N ALA A 225 -13.06 16.41 -0.72
CA ALA A 225 -14.14 15.93 0.15
C ALA A 225 -15.24 16.97 0.30
N SER A 226 -14.84 18.24 0.43
CA SER A 226 -15.82 19.32 0.49
C SER A 226 -16.63 19.40 -0.80
N ASN A 227 -15.97 19.26 -1.94
CA ASN A 227 -16.68 19.34 -3.23
C ASN A 227 -17.63 18.16 -3.41
N ARG A 228 -17.26 16.98 -2.91
CA ARG A 228 -18.17 15.84 -3.02
C ARG A 228 -19.40 16.02 -2.14
N ALA A 229 -19.26 16.70 -1.00
CA ALA A 229 -20.42 16.97 -0.15
C ALA A 229 -21.35 18.00 -0.77
N LYS A 230 -20.78 19.04 -1.37
CA LYS A 230 -21.61 20.06 -2.01
C LYS A 230 -22.33 19.50 -3.23
N GLU A 231 -21.62 18.74 -4.07
CA GLU A 231 -22.24 18.15 -5.25
C GLU A 231 -23.24 17.05 -4.90
N ALA A 232 -23.09 16.42 -3.74
CA ALA A 232 -24.07 15.42 -3.30
C ALA A 232 -25.28 16.05 -2.62
N LYS A 233 -25.18 17.33 -2.23
CA LYS A 233 -26.28 18.05 -1.58
C LYS A 233 -26.77 17.31 -0.34
N ASN A 234 -25.82 16.84 0.47
CA ASN A 234 -26.12 16.13 1.70
C ASN A 234 -26.13 17.05 2.93
N GLY A 235 -25.94 18.35 2.74
CA GLY A 235 -25.90 19.29 3.84
C GLY A 235 -24.62 19.31 4.63
N VAL A 236 -23.62 18.53 4.25
CA VAL A 236 -22.35 18.48 4.97
C VAL A 236 -21.47 19.64 4.50
N ASN A 237 -21.02 20.46 5.44
CA ASN A 237 -20.16 21.61 5.16
C ASN A 237 -18.76 21.28 5.66
N VAL A 238 -17.83 21.03 4.74
CA VAL A 238 -16.46 20.68 5.05
C VAL A 238 -15.56 21.85 4.67
N SER A 239 -14.67 22.22 5.57
CA SER A 239 -13.69 23.28 5.34
C SER A 239 -12.31 22.77 5.71
N PHE A 240 -11.29 23.54 5.34
CA PHE A 240 -9.91 23.22 5.63
C PHE A 240 -9.22 24.44 6.24
N SER A 241 -8.28 24.19 7.15
CA SER A 241 -7.63 25.26 7.88
C SER A 241 -6.13 25.03 7.94
N ILE A 242 -5.35 26.03 7.55
CA ILE A 242 -3.92 26.07 7.81
C ILE A 242 -3.73 26.83 9.13
N PRO A 243 -3.48 26.14 10.24
CA PRO A 243 -3.51 26.81 11.55
C PRO A 243 -2.45 27.89 11.68
N LYS A 244 -2.67 28.78 12.65
CA LYS A 244 -1.82 29.95 12.84
C LYS A 244 -0.43 29.58 13.33
N GLU A 245 -0.26 28.42 13.97
CA GLU A 245 1.05 28.02 14.47
C GLU A 245 1.98 27.51 13.38
N GLY A 246 1.52 27.48 12.13
CA GLY A 246 2.27 26.94 11.03
C GLY A 246 1.81 25.54 10.67
N ALA A 247 2.27 25.09 9.49
CA ALA A 247 1.90 23.77 9.00
C ALA A 247 2.97 23.28 8.04
N MET A 248 3.02 21.96 7.88
CA MET A 248 3.96 21.35 6.96
C MET A 248 3.48 21.51 5.53
N ALA A 249 4.41 21.86 4.64
CA ALA A 249 4.14 21.95 3.21
C ALA A 249 4.85 20.82 2.48
N PHE A 250 4.22 20.30 1.43
CA PHE A 250 4.80 19.23 0.63
C PHE A 250 4.70 19.59 -0.84
N PHE A 251 5.57 18.98 -1.64
CA PHE A 251 5.65 19.25 -3.08
C PHE A 251 5.71 17.91 -3.81
N ASP A 252 4.66 17.60 -4.56
CA ASP A 252 4.64 16.41 -5.39
C ASP A 252 5.25 16.74 -6.74
N VAL A 253 6.18 15.89 -7.18
CA VAL A 253 6.99 16.16 -8.35
C VAL A 253 6.95 14.97 -9.30
N PHE A 254 7.01 15.27 -10.60
CA PHE A 254 7.17 14.23 -11.60
C PHE A 254 8.65 13.86 -11.74
N ALA A 255 8.91 12.57 -11.85
CA ALA A 255 10.27 12.07 -11.97
C ALA A 255 10.30 10.92 -12.98
N MET A 256 11.47 10.70 -13.56
CA MET A 256 11.66 9.67 -14.58
C MET A 256 12.59 8.59 -14.05
N PRO A 257 12.10 7.36 -13.83
CA PRO A 257 12.99 6.29 -13.39
C PRO A 257 14.12 6.06 -14.39
N ALA A 258 15.27 5.64 -13.87
CA ALA A 258 16.45 5.43 -14.70
C ALA A 258 16.24 4.35 -15.76
N ASP A 259 15.31 3.43 -15.53
CA ASP A 259 15.02 2.35 -16.47
C ASP A 259 13.79 2.63 -17.32
N ALA A 260 13.35 3.88 -17.38
CA ALA A 260 12.20 4.24 -18.20
C ALA A 260 12.44 3.88 -19.67
N LYS A 261 11.43 3.34 -20.31
CA LYS A 261 11.57 2.84 -21.68
C LYS A 261 11.35 3.93 -22.73
N ASN A 262 10.27 4.68 -22.61
CA ASN A 262 9.89 5.69 -23.60
C ASN A 262 10.11 7.07 -23.01
N LYS A 263 11.37 7.49 -22.95
CA LYS A 263 11.68 8.78 -22.34
C LYS A 263 11.24 9.94 -23.22
N ASP A 264 11.37 9.80 -24.54
CA ASP A 264 10.95 10.87 -25.44
C ASP A 264 9.46 11.17 -25.29
N GLU A 265 8.64 10.12 -25.22
CA GLU A 265 7.22 10.32 -24.97
C GLU A 265 6.99 10.94 -23.59
N ALA A 266 7.80 10.54 -22.61
CA ALA A 266 7.67 11.10 -21.26
C ALA A 266 7.98 12.59 -21.25
N TYR A 267 9.02 13.01 -21.98
CA TYR A 267 9.34 14.43 -22.06
C TYR A 267 8.21 15.21 -22.73
N GLN A 268 7.56 14.60 -23.72
CA GLN A 268 6.42 15.26 -24.35
C GLN A 268 5.28 15.46 -23.36
N PHE A 269 5.10 14.51 -22.43
CA PHE A 269 4.03 14.65 -21.45
C PHE A 269 4.38 15.68 -20.39
N LEU A 270 5.64 15.73 -20.00
CA LEU A 270 6.08 16.74 -19.04
C LEU A 270 5.94 18.15 -19.62
N ASN A 271 6.38 18.32 -20.87
CA ASN A 271 6.21 19.61 -21.53
C ASN A 271 4.74 19.94 -21.74
N TYR A 272 3.90 18.92 -21.94
CA TYR A 272 2.46 19.14 -22.01
C TYR A 272 1.92 19.66 -20.68
N LEU A 273 2.37 19.09 -19.57
CA LEU A 273 1.96 19.56 -18.25
C LEU A 273 2.51 20.94 -17.93
N LEU A 274 3.62 21.33 -18.57
CA LEU A 274 4.19 22.65 -18.33
C LEU A 274 3.46 23.76 -19.06
N ARG A 275 2.54 23.43 -19.97
CA ARG A 275 1.73 24.44 -20.61
C ARG A 275 0.74 25.01 -19.59
N PRO A 276 0.62 26.33 -19.50
CA PRO A 276 -0.21 26.91 -18.41
C PRO A 276 -1.66 26.47 -18.44
N ASP A 277 -2.27 26.39 -19.62
CA ASP A 277 -3.68 26.01 -19.70
C ASP A 277 -3.90 24.55 -19.30
N VAL A 278 -2.91 23.69 -19.53
CA VAL A 278 -3.07 22.27 -19.22
C VAL A 278 -3.11 22.05 -17.72
N VAL A 279 -2.12 22.60 -17.01
CA VAL A 279 -2.03 22.36 -15.57
C VAL A 279 -3.01 23.21 -14.79
N ALA A 280 -3.44 24.35 -15.34
CA ALA A 280 -4.49 25.13 -14.69
C ALA A 280 -5.81 24.37 -14.70
N HIS A 281 -6.11 23.67 -15.79
CA HIS A 281 -7.32 22.86 -15.86
C HIS A 281 -7.28 21.72 -14.85
N ILE A 282 -6.10 21.18 -14.57
CA ILE A 282 -5.97 20.11 -13.58
C ILE A 282 -6.27 20.66 -12.18
N SER A 283 -5.71 21.83 -11.86
CA SER A 283 -5.97 22.45 -10.56
C SER A 283 -7.45 22.73 -10.36
N ASP A 284 -8.18 23.03 -11.44
CA ASP A 284 -9.62 23.29 -11.32
C ASP A 284 -10.38 22.06 -10.84
N HIS A 285 -9.88 20.86 -11.16
CA HIS A 285 -10.61 19.63 -10.86
C HIS A 285 -10.11 18.91 -9.61
N VAL A 286 -8.81 19.01 -9.30
CA VAL A 286 -8.28 18.32 -8.13
C VAL A 286 -8.11 19.24 -6.93
N PHE A 287 -8.30 20.55 -7.09
CA PHE A 287 -8.25 21.52 -5.99
C PHE A 287 -6.88 21.52 -5.31
N TYR A 288 -5.83 21.35 -6.12
CA TYR A 288 -4.44 21.48 -5.67
C TYR A 288 -3.79 22.66 -6.39
N ALA A 289 -2.99 23.41 -5.66
CA ALA A 289 -2.21 24.49 -6.27
C ALA A 289 -1.08 23.89 -7.10
N ASN A 290 -0.99 24.29 -8.36
CA ASN A 290 0.08 23.84 -9.22
C ASN A 290 1.31 24.73 -9.06
N ALA A 291 2.46 24.18 -9.44
CA ALA A 291 3.74 24.88 -9.32
C ALA A 291 4.07 25.70 -10.57
N ASN A 292 3.08 26.00 -11.41
CA ASN A 292 3.28 26.73 -12.65
C ASN A 292 2.87 28.19 -12.41
N LYS A 293 3.85 29.09 -12.43
CA LYS A 293 3.57 30.50 -12.15
C LYS A 293 2.75 31.14 -13.26
N ALA A 294 2.97 30.72 -14.51
CA ALA A 294 2.23 31.29 -15.62
C ALA A 294 0.78 30.81 -15.65
N ALA A 295 0.47 29.70 -14.98
CA ALA A 295 -0.88 29.15 -14.97
C ALA A 295 -1.77 29.76 -13.90
N THR A 296 -1.18 30.46 -12.92
CA THR A 296 -1.98 31.00 -11.82
C THR A 296 -3.12 31.89 -12.28
N PRO A 297 -2.95 32.83 -13.21
CA PRO A 297 -4.12 33.61 -13.67
C PRO A 297 -5.14 32.77 -14.41
N LEU A 298 -4.78 31.58 -14.90
CA LEU A 298 -5.71 30.77 -15.67
C LEU A 298 -6.59 29.86 -14.80
N VAL A 299 -6.14 29.53 -13.58
CA VAL A 299 -6.96 28.68 -12.73
C VAL A 299 -8.21 29.46 -12.30
N SER A 300 -9.31 28.72 -12.14
CA SER A 300 -10.58 29.35 -11.81
C SER A 300 -10.51 30.08 -10.46
N ALA A 301 -11.32 31.14 -10.34
CA ALA A 301 -11.30 31.96 -9.13
C ALA A 301 -11.70 31.16 -7.90
N GLU A 302 -12.61 30.19 -8.06
CA GLU A 302 -13.06 29.40 -6.93
C GLU A 302 -11.92 28.60 -6.30
N VAL A 303 -10.89 28.29 -7.09
CA VAL A 303 -9.70 27.62 -6.60
C VAL A 303 -8.57 28.61 -6.32
N ARG A 304 -8.40 29.60 -7.20
CA ARG A 304 -7.32 30.57 -7.05
C ARG A 304 -7.47 31.42 -5.80
N GLU A 305 -8.69 31.84 -5.50
CA GLU A 305 -8.93 32.74 -4.37
C GLU A 305 -9.13 32.01 -3.05
N ASN A 306 -8.98 30.69 -3.04
CA ASN A 306 -9.09 29.91 -1.81
C ASN A 306 -7.78 29.97 -1.04
N PRO A 307 -7.76 30.61 0.13
CA PRO A 307 -6.51 30.67 0.92
C PRO A 307 -6.09 29.32 1.48
N GLY A 308 -6.94 28.29 1.38
CA GLY A 308 -6.55 26.94 1.74
C GLY A 308 -5.92 26.15 0.61
N ILE A 309 -5.93 26.70 -0.60
CA ILE A 309 -5.28 26.08 -1.75
C ILE A 309 -4.09 26.90 -2.21
N TYR A 310 -4.29 28.19 -2.45
CA TYR A 310 -3.23 29.15 -2.72
C TYR A 310 -3.09 30.07 -1.52
N PRO A 311 -2.34 29.66 -0.50
CA PRO A 311 -2.32 30.43 0.75
C PRO A 311 -1.63 31.77 0.55
N PRO A 312 -2.00 32.79 1.32
CA PRO A 312 -1.37 34.11 1.16
C PRO A 312 0.05 34.15 1.67
N ALA A 313 0.72 35.30 1.49
CA ALA A 313 2.13 35.42 1.84
C ALA A 313 2.36 35.24 3.33
N ASP A 314 1.52 35.84 4.17
CA ASP A 314 1.70 35.73 5.61
C ASP A 314 1.49 34.31 6.12
N VAL A 315 0.72 33.49 5.39
CA VAL A 315 0.57 32.10 5.77
C VAL A 315 1.74 31.27 5.24
N ARG A 316 2.19 31.55 4.01
CA ARG A 316 3.33 30.80 3.46
C ARG A 316 4.60 31.03 4.26
N ALA A 317 4.73 32.20 4.89
CA ALA A 317 5.93 32.48 5.68
C ALA A 317 6.02 31.62 6.93
N LYS A 318 4.90 31.09 7.40
CA LYS A 318 4.88 30.24 8.60
C LYS A 318 4.89 28.75 8.27
N LEU A 319 4.98 28.39 7.00
CA LEU A 319 5.01 26.99 6.59
C LEU A 319 6.44 26.46 6.66
N PHE A 320 6.57 25.20 7.04
CA PHE A 320 7.85 24.51 7.09
C PHE A 320 7.80 23.27 6.21
N THR A 321 9.00 22.75 5.89
CA THR A 321 9.13 21.57 5.06
C THR A 321 9.90 20.50 5.82
N LEU A 322 9.71 19.25 5.39
CA LEU A 322 10.37 18.12 6.02
C LEU A 322 11.82 18.02 5.59
N LYS A 323 12.69 17.71 6.54
CA LYS A 323 14.08 17.37 6.27
C LYS A 323 14.27 15.87 6.45
N VAL A 324 15.10 15.29 5.59
CA VAL A 324 15.36 13.84 5.67
C VAL A 324 16.22 13.55 6.89
N GLN A 325 15.75 12.66 7.74
CA GLN A 325 16.44 12.32 8.98
C GLN A 325 17.39 11.15 8.78
N ASP A 326 18.33 11.03 9.71
CA ASP A 326 19.28 9.92 9.71
C ASP A 326 18.56 8.65 10.17
N PRO A 327 19.17 7.47 9.93
CA PRO A 327 18.50 6.22 10.31
C PRO A 327 18.11 6.14 11.78
N LYS A 328 18.87 6.76 12.68
CA LYS A 328 18.53 6.68 14.10
C LYS A 328 17.23 7.40 14.41
N ILE A 329 17.03 8.58 13.83
CA ILE A 329 15.79 9.32 14.07
C ILE A 329 14.62 8.65 13.34
N ASP A 330 14.86 8.19 12.11
CA ASP A 330 13.81 7.49 11.37
C ASP A 330 13.37 6.23 12.11
N ARG A 331 14.33 5.50 12.68
CA ARG A 331 13.98 4.31 13.45
C ARG A 331 13.23 4.67 14.72
N VAL A 332 13.70 5.69 15.44
CA VAL A 332 13.03 6.12 16.67
C VAL A 332 11.64 6.64 16.36
N ARG A 333 11.52 7.47 15.33
CA ARG A 333 10.22 8.05 14.98
C ARG A 333 9.23 6.98 14.53
N THR A 334 9.69 6.01 13.74
CA THR A 334 8.80 4.95 13.29
C THR A 334 8.41 4.02 14.43
N ARG A 335 9.36 3.70 15.30
CA ARG A 335 9.08 2.81 16.42
C ARG A 335 8.09 3.44 17.40
N ALA A 336 8.24 4.74 17.66
CA ALA A 336 7.31 5.43 18.55
C ALA A 336 5.92 5.54 17.92
N TRP A 337 5.85 5.70 16.60
CA TRP A 337 4.57 5.80 15.91
C TRP A 337 3.77 4.51 16.04
N THR A 338 4.45 3.36 16.01
CA THR A 338 3.76 2.08 16.14
C THR A 338 3.12 1.94 17.51
N LYS A 339 3.79 2.40 18.57
CA LYS A 339 3.21 2.34 19.90
C LYS A 339 1.96 3.21 20.01
N VAL A 340 1.98 4.39 19.39
CA VAL A 340 0.83 5.28 19.47
C VAL A 340 -0.39 4.65 18.82
N LYS A 341 -0.22 4.06 17.64
CA LYS A 341 -1.33 3.45 16.92
C LYS A 341 -1.92 2.26 17.66
N SER A 342 -1.18 1.65 18.58
CA SER A 342 -1.67 0.47 19.29
C SER A 342 -2.50 0.88 20.50
N GLY A 343 -1.92 0.79 21.70
CA GLY A 343 -2.62 1.15 22.92
C GLY A 343 -2.38 0.19 24.06
N LYS B 4 10.61 -5.25 28.19
CA LYS B 4 10.65 -4.44 26.98
C LYS B 4 9.53 -4.78 26.02
N THR B 5 9.52 -4.11 24.87
CA THR B 5 8.41 -4.14 23.93
C THR B 5 8.85 -4.79 22.63
N LEU B 6 7.94 -5.53 22.01
CA LEU B 6 8.20 -6.24 20.77
C LEU B 6 7.30 -5.71 19.67
N HIS B 7 7.90 -5.36 18.53
CA HIS B 7 7.19 -4.78 17.40
C HIS B 7 7.10 -5.81 16.28
N ILE B 8 5.88 -6.15 15.88
CA ILE B 8 5.63 -7.17 14.86
C ILE B 8 4.83 -6.54 13.73
N TYR B 9 5.23 -6.83 12.50
CA TYR B 9 4.53 -6.36 11.30
C TYR B 9 4.16 -7.59 10.47
N ASN B 10 2.88 -7.95 10.48
CA ASN B 10 2.40 -9.18 9.88
C ASN B 10 1.27 -8.87 8.91
N TRP B 11 0.90 -9.86 8.11
CA TRP B 11 -0.26 -9.73 7.24
C TRP B 11 -1.53 -9.61 8.07
N SER B 12 -2.56 -9.05 7.46
CA SER B 12 -3.86 -8.97 8.11
C SER B 12 -4.49 -10.36 8.19
N ASP B 13 -5.26 -10.58 9.25
CA ASP B 13 -5.97 -11.84 9.47
C ASP B 13 -5.04 -13.04 9.33
N TYR B 14 -3.86 -12.92 9.94
CA TYR B 14 -2.82 -13.94 9.83
C TYR B 14 -2.37 -14.45 11.19
N ILE B 15 -3.22 -14.34 12.21
CA ILE B 15 -2.88 -14.79 13.55
C ILE B 15 -4.18 -14.97 14.32
N ALA B 16 -4.14 -15.85 15.32
CA ALA B 16 -5.32 -16.06 16.15
C ALA B 16 -5.55 -14.83 17.04
N PRO B 17 -6.80 -14.58 17.43
CA PRO B 17 -7.08 -13.36 18.23
C PRO B 17 -6.35 -13.32 19.57
N ASP B 18 -6.04 -14.47 20.16
CA ASP B 18 -5.45 -14.52 21.49
C ASP B 18 -3.99 -14.95 21.49
N THR B 19 -3.37 -15.09 20.31
CA THR B 19 -1.96 -15.50 20.25
C THR B 19 -1.06 -14.48 20.94
N VAL B 20 -1.24 -13.20 20.61
CA VAL B 20 -0.41 -12.16 21.22
C VAL B 20 -0.68 -12.05 22.71
N ALA B 21 -1.96 -12.09 23.11
CA ALA B 21 -2.31 -11.97 24.52
C ALA B 21 -1.72 -13.11 25.34
N ASN B 22 -1.78 -14.33 24.82
CA ASN B 22 -1.20 -15.47 25.55
C ASN B 22 0.31 -15.33 25.68
N PHE B 23 0.97 -14.82 24.64
CA PHE B 23 2.41 -14.61 24.72
C PHE B 23 2.76 -13.56 25.77
N GLU B 24 1.97 -12.49 25.85
CA GLU B 24 2.23 -11.44 26.84
C GLU B 24 2.07 -11.96 28.27
N LYS B 25 1.03 -12.76 28.51
CA LYS B 25 0.81 -13.29 29.85
C LYS B 25 1.89 -14.28 30.26
N GLU B 26 2.44 -15.02 29.29
CA GLU B 26 3.45 -16.03 29.62
C GLU B 26 4.81 -15.40 29.88
N THR B 27 5.17 -14.35 29.13
CA THR B 27 6.51 -13.79 29.18
C THR B 27 6.60 -12.44 29.86
N GLY B 28 5.49 -11.71 29.97
CA GLY B 28 5.53 -10.35 30.47
C GLY B 28 6.02 -9.32 29.48
N ILE B 29 6.15 -9.69 28.20
CA ILE B 29 6.59 -8.78 27.16
C ILE B 29 5.38 -8.14 26.50
N LYS B 30 5.39 -6.81 26.42
CA LYS B 30 4.33 -6.09 25.72
C LYS B 30 4.60 -6.12 24.21
N VAL B 31 3.59 -6.50 23.44
CA VAL B 31 3.71 -6.64 22.00
C VAL B 31 2.81 -5.61 21.32
N VAL B 32 3.40 -4.82 20.42
CA VAL B 32 2.65 -3.92 19.56
C VAL B 32 2.58 -4.54 18.17
N TYR B 33 1.37 -4.64 17.63
CA TYR B 33 1.09 -5.45 16.46
C TYR B 33 0.47 -4.58 15.37
N ASP B 34 1.18 -4.45 14.25
CA ASP B 34 0.70 -3.70 13.09
C ASP B 34 0.57 -4.65 11.90
N VAL B 35 -0.18 -4.22 10.89
CA VAL B 35 -0.62 -5.10 9.82
C VAL B 35 -0.39 -4.45 8.47
N PHE B 36 -0.05 -5.28 7.47
CA PHE B 36 0.14 -4.87 6.09
C PHE B 36 -0.56 -5.85 5.18
N ASP B 37 -0.70 -5.46 3.90
CA ASP B 37 -1.46 -6.27 2.95
C ASP B 37 -0.73 -6.48 1.62
N SER B 38 0.58 -6.24 1.55
CA SER B 38 1.28 -6.37 0.28
C SER B 38 2.76 -6.64 0.50
N ASN B 39 3.33 -7.51 -0.34
CA ASN B 39 4.77 -7.76 -0.31
C ASN B 39 5.55 -6.53 -0.73
N GLU B 40 5.03 -5.76 -1.69
CA GLU B 40 5.75 -4.59 -2.17
C GLU B 40 5.77 -3.48 -1.13
N VAL B 41 4.73 -3.38 -0.29
CA VAL B 41 4.71 -2.37 0.76
C VAL B 41 5.74 -2.71 1.84
N LEU B 42 5.77 -3.97 2.27
CA LEU B 42 6.72 -4.37 3.30
C LEU B 42 8.16 -4.21 2.81
N GLU B 43 8.45 -4.72 1.60
CA GLU B 43 9.79 -4.56 1.04
C GLU B 43 10.16 -3.09 0.88
N GLY B 44 9.16 -2.22 0.72
CA GLY B 44 9.46 -0.80 0.67
C GLY B 44 10.03 -0.28 1.97
N LYS B 45 9.37 -0.60 3.08
CA LYS B 45 9.90 -0.21 4.39
C LYS B 45 11.23 -0.89 4.66
N LEU B 46 11.45 -2.09 4.11
CA LEU B 46 12.71 -2.79 4.30
C LEU B 46 13.84 -2.11 3.53
N MET B 47 13.56 -1.65 2.31
CA MET B 47 14.60 -1.08 1.46
C MET B 47 14.78 0.42 1.67
N ALA B 48 13.72 1.14 2.02
CA ALA B 48 13.86 2.58 2.20
C ALA B 48 14.65 2.96 3.43
N GLY B 49 14.75 2.06 4.40
CA GLY B 49 15.49 2.36 5.63
C GLY B 49 15.03 1.45 6.75
N SER B 50 15.07 2.00 7.96
CA SER B 50 14.65 1.25 9.13
C SER B 50 13.14 1.09 9.16
N THR B 51 12.67 -0.13 9.43
CA THR B 51 11.25 -0.40 9.53
C THR B 51 10.68 -0.08 10.90
N GLY B 52 11.51 0.02 11.92
CA GLY B 52 11.01 0.23 13.27
C GLY B 52 10.34 -0.97 13.88
N PHE B 53 10.52 -2.16 13.30
CA PHE B 53 9.91 -3.39 13.78
C PHE B 53 11.00 -4.41 14.10
N ASP B 54 10.67 -5.33 15.00
CA ASP B 54 11.59 -6.40 15.37
C ASP B 54 11.35 -7.67 14.58
N LEU B 55 10.12 -7.88 14.09
CA LEU B 55 9.78 -9.04 13.29
C LEU B 55 8.86 -8.64 12.15
N VAL B 56 9.14 -9.17 10.95
CA VAL B 56 8.31 -8.95 9.78
C VAL B 56 8.05 -10.29 9.13
N VAL B 57 6.98 -10.36 8.35
CA VAL B 57 6.54 -11.61 7.74
C VAL B 57 6.43 -11.44 6.23
N PRO B 58 7.54 -11.44 5.49
CA PRO B 58 7.48 -11.38 4.03
C PRO B 58 7.32 -12.78 3.43
N SER B 59 6.95 -12.81 2.15
CA SER B 59 6.94 -14.05 1.41
C SER B 59 8.37 -14.51 1.13
N ALA B 60 8.54 -15.83 1.05
CA ALA B 60 9.87 -16.39 0.86
C ALA B 60 10.49 -15.93 -0.46
N SER B 61 9.69 -15.82 -1.51
CA SER B 61 10.22 -15.40 -2.81
C SER B 61 10.72 -13.97 -2.77
N PHE B 62 10.08 -13.11 -1.98
CA PHE B 62 10.56 -11.74 -1.84
C PHE B 62 11.74 -11.65 -0.89
N LEU B 63 11.79 -12.52 0.14
CA LEU B 63 12.92 -12.53 1.06
C LEU B 63 14.22 -12.85 0.34
N GLU B 64 14.18 -13.75 -0.64
CA GLU B 64 15.38 -14.09 -1.41
C GLU B 64 16.00 -12.85 -2.04
N ARG B 65 15.18 -12.01 -2.67
CA ARG B 65 15.67 -10.78 -3.26
C ARG B 65 16.15 -9.80 -2.18
N GLN B 66 15.45 -9.76 -1.04
CA GLN B 66 15.81 -8.83 0.03
C GLN B 66 17.10 -9.23 0.74
N LEU B 67 17.47 -10.51 0.70
CA LEU B 67 18.71 -10.94 1.36
C LEU B 67 19.94 -10.31 0.72
N THR B 68 19.91 -10.08 -0.59
CA THR B 68 21.06 -9.49 -1.28
C THR B 68 21.33 -8.06 -0.82
N ALA B 69 20.36 -7.40 -0.20
CA ALA B 69 20.54 -6.05 0.32
C ALA B 69 20.96 -6.03 1.79
N GLY B 70 21.06 -7.19 2.43
CA GLY B 70 21.47 -7.23 3.82
C GLY B 70 20.46 -6.68 4.81
N VAL B 71 19.17 -6.73 4.46
CA VAL B 71 18.15 -6.15 5.33
C VAL B 71 17.83 -7.06 6.52
N PHE B 72 18.20 -8.34 6.46
CA PHE B 72 17.88 -9.28 7.51
C PHE B 72 19.17 -9.75 8.20
N GLN B 73 18.99 -10.26 9.42
CA GLN B 73 20.01 -10.84 10.26
C GLN B 73 19.84 -12.35 10.33
N PRO B 74 20.93 -13.13 10.23
CA PRO B 74 20.79 -14.59 10.33
C PRO B 74 20.27 -14.99 11.71
N LEU B 75 19.33 -15.92 11.71
CA LEU B 75 18.69 -16.36 12.94
C LEU B 75 19.61 -17.28 13.72
N ASP B 76 19.77 -16.99 15.01
CA ASP B 76 20.55 -17.83 15.90
C ASP B 76 19.71 -19.05 16.24
N LYS B 77 20.05 -20.19 15.63
CA LYS B 77 19.27 -21.40 15.84
C LYS B 77 19.36 -21.90 17.28
N SER B 78 20.44 -21.55 18.00
CA SER B 78 20.54 -21.92 19.40
C SER B 78 19.49 -21.27 20.26
N LYS B 79 18.94 -20.14 19.82
CA LYS B 79 17.86 -19.47 20.53
C LYS B 79 16.48 -19.91 20.05
N LEU B 80 16.42 -20.90 19.15
CA LEU B 80 15.17 -21.46 18.65
C LEU B 80 15.21 -22.97 18.81
N PRO B 81 15.11 -23.48 20.04
CA PRO B 81 15.20 -24.93 20.24
C PRO B 81 14.05 -25.70 19.60
N GLU B 82 12.87 -25.12 19.53
CA GLU B 82 11.72 -25.79 18.93
C GLU B 82 11.76 -25.77 17.40
N TRP B 83 12.89 -25.39 16.80
CA TRP B 83 13.03 -25.41 15.35
C TRP B 83 12.82 -26.81 14.79
N LYS B 84 13.08 -27.85 15.59
CA LYS B 84 12.92 -29.23 15.13
C LYS B 84 11.48 -29.54 14.74
N ASN B 85 10.51 -28.80 15.25
CA ASN B 85 9.10 -29.07 14.95
C ASN B 85 8.75 -28.75 13.51
N LEU B 86 9.59 -27.99 12.80
CA LEU B 86 9.27 -27.59 11.43
C LEU B 86 9.38 -28.77 10.47
N ASP B 87 8.56 -28.73 9.43
CA ASP B 87 8.59 -29.75 8.39
C ASP B 87 9.91 -29.67 7.63
N PRO B 88 10.70 -30.74 7.56
CA PRO B 88 11.96 -30.66 6.80
C PRO B 88 11.76 -30.42 5.32
N GLU B 89 10.69 -30.95 4.73
CA GLU B 89 10.46 -30.73 3.31
C GLU B 89 10.14 -29.27 3.01
N LEU B 90 9.36 -28.62 3.89
CA LEU B 90 9.09 -27.20 3.70
C LEU B 90 10.33 -26.36 3.93
N LEU B 91 11.19 -26.76 4.87
CA LEU B 91 12.46 -26.08 5.05
C LEU B 91 13.30 -26.14 3.77
N LYS B 92 13.31 -27.29 3.09
CA LYS B 92 14.05 -27.43 1.85
C LYS B 92 13.47 -26.54 0.76
N LEU B 93 12.14 -26.44 0.69
CA LEU B 93 11.52 -25.57 -0.30
C LEU B 93 11.83 -24.10 -0.02
N VAL B 94 11.74 -23.69 1.24
CA VAL B 94 12.11 -22.32 1.60
C VAL B 94 13.61 -22.11 1.43
N ALA B 95 14.41 -23.16 1.60
CA ALA B 95 15.86 -23.03 1.47
C ALA B 95 16.28 -22.60 0.07
N LYS B 96 15.45 -22.85 -0.94
CA LYS B 96 15.77 -22.37 -2.28
C LYS B 96 15.76 -20.85 -2.34
N HIS B 97 14.97 -20.20 -1.49
CA HIS B 97 15.00 -18.75 -1.37
C HIS B 97 15.94 -18.28 -0.26
N ASP B 98 16.14 -19.10 0.76
CA ASP B 98 16.94 -18.75 1.94
C ASP B 98 17.92 -19.89 2.19
N PRO B 99 19.11 -19.84 1.57
CA PRO B 99 20.04 -20.97 1.66
C PRO B 99 20.37 -21.34 3.10
N ASP B 100 20.28 -22.64 3.40
CA ASP B 100 20.51 -23.21 4.72
C ASP B 100 19.55 -22.66 5.78
N ASN B 101 18.45 -22.04 5.34
CA ASN B 101 17.41 -21.54 6.25
C ASN B 101 18.01 -20.63 7.31
N LYS B 102 18.88 -19.72 6.88
CA LYS B 102 19.64 -18.91 7.83
C LYS B 102 18.86 -17.68 8.29
N PHE B 103 17.91 -17.19 7.49
CA PHE B 103 17.23 -15.93 7.77
C PHE B 103 15.74 -16.05 8.03
N ALA B 104 15.08 -17.11 7.57
CA ALA B 104 13.63 -17.16 7.54
C ALA B 104 13.13 -18.35 8.35
N MET B 105 12.09 -18.11 9.16
CA MET B 105 11.37 -19.17 9.84
C MET B 105 10.05 -19.40 9.12
N PRO B 106 9.83 -20.54 8.49
CA PRO B 106 8.56 -20.78 7.80
C PRO B 106 7.38 -20.70 8.76
N TYR B 107 6.37 -19.91 8.38
CA TYR B 107 5.23 -19.63 9.23
C TYR B 107 3.97 -20.30 8.68
N MET B 108 3.45 -19.81 7.55
CA MET B 108 2.29 -20.39 6.90
C MET B 108 2.57 -20.55 5.41
N TRP B 109 1.79 -21.42 4.77
CA TRP B 109 1.92 -21.62 3.33
C TRP B 109 0.57 -22.04 2.77
N ALA B 110 0.32 -21.65 1.52
CA ALA B 110 -0.92 -21.97 0.83
C ALA B 110 -0.67 -21.88 -0.67
N THR B 111 -1.75 -21.81 -1.45
CA THR B 111 -1.66 -21.78 -2.90
C THR B 111 -2.48 -20.63 -3.46
N THR B 112 -2.17 -20.27 -4.69
CA THR B 112 -2.94 -19.27 -5.44
C THR B 112 -3.86 -20.01 -6.40
N GLY B 113 -5.16 -20.01 -6.10
CA GLY B 113 -6.14 -20.74 -6.87
C GLY B 113 -7.35 -19.89 -7.17
N ILE B 114 -8.51 -20.56 -7.22
CA ILE B 114 -9.76 -19.94 -7.62
C ILE B 114 -10.75 -20.04 -6.46
N GLY B 115 -11.15 -18.89 -5.93
CA GLY B 115 -12.27 -18.81 -5.01
C GLY B 115 -13.52 -18.39 -5.77
N TYR B 116 -14.64 -19.05 -5.47
CA TYR B 116 -15.84 -18.84 -6.27
C TYR B 116 -17.09 -19.10 -5.45
N ASN B 117 -18.17 -18.44 -5.85
CA ASN B 117 -19.50 -18.71 -5.31
C ASN B 117 -20.10 -19.89 -6.04
N VAL B 118 -20.38 -20.97 -5.31
CA VAL B 118 -20.81 -22.22 -5.94
C VAL B 118 -22.12 -22.02 -6.69
N ASP B 119 -23.10 -21.39 -6.03
CA ASP B 119 -24.43 -21.27 -6.63
C ASP B 119 -24.43 -20.30 -7.81
N LYS B 120 -23.69 -19.20 -7.71
CA LYS B 120 -23.68 -18.22 -8.80
C LYS B 120 -22.93 -18.75 -10.02
N VAL B 121 -21.82 -19.45 -9.81
CA VAL B 121 -21.07 -20.00 -10.93
C VAL B 121 -21.88 -21.08 -11.64
N LYS B 122 -22.53 -21.96 -10.88
CA LYS B 122 -23.33 -23.02 -11.49
C LYS B 122 -24.58 -22.47 -12.17
N ALA B 123 -25.08 -21.33 -11.72
CA ALA B 123 -26.23 -20.71 -12.38
C ALA B 123 -25.84 -20.14 -13.74
N VAL B 124 -24.59 -19.71 -13.89
CA VAL B 124 -24.14 -19.07 -15.13
C VAL B 124 -23.60 -20.09 -16.12
N LEU B 125 -22.74 -20.99 -15.67
CA LEU B 125 -22.07 -21.94 -16.54
C LEU B 125 -22.62 -23.36 -16.42
N GLY B 126 -23.73 -23.55 -15.71
CA GLY B 126 -24.33 -24.85 -15.57
C GLY B 126 -23.74 -25.63 -14.40
N GLU B 127 -24.38 -26.78 -14.12
CA GLU B 127 -23.91 -27.64 -13.04
C GLU B 127 -22.51 -28.19 -13.32
N ASN B 128 -22.16 -28.37 -14.59
CA ASN B 128 -20.85 -28.87 -14.98
C ASN B 128 -19.83 -27.75 -15.18
N ALA B 129 -19.94 -26.66 -14.42
CA ALA B 129 -18.98 -25.58 -14.53
C ALA B 129 -17.59 -26.10 -14.19
N PRO B 130 -16.57 -25.78 -14.98
CA PRO B 130 -15.21 -26.33 -14.76
C PRO B 130 -14.51 -25.67 -13.58
N VAL B 131 -15.08 -25.84 -12.38
CA VAL B 131 -14.49 -25.27 -11.18
C VAL B 131 -13.18 -25.94 -10.79
N ASP B 132 -12.87 -27.09 -11.39
CA ASP B 132 -11.64 -27.81 -11.12
C ASP B 132 -10.52 -27.45 -12.09
N SER B 133 -10.67 -26.36 -12.84
CA SER B 133 -9.71 -26.01 -13.88
C SER B 133 -9.63 -24.50 -14.00
N TRP B 134 -8.47 -24.03 -14.47
CA TRP B 134 -8.31 -22.61 -14.78
C TRP B 134 -9.17 -22.16 -15.95
N ASP B 135 -9.79 -23.09 -16.69
CA ASP B 135 -10.75 -22.71 -17.72
C ASP B 135 -11.89 -21.87 -17.15
N LEU B 136 -12.20 -22.05 -15.87
CA LEU B 136 -13.31 -21.32 -15.26
C LEU B 136 -13.10 -19.82 -15.33
N ILE B 137 -11.85 -19.37 -15.21
CA ILE B 137 -11.57 -17.94 -15.12
C ILE B 137 -10.59 -17.46 -16.18
N LEU B 138 -9.82 -18.34 -16.81
CA LEU B 138 -8.85 -17.95 -17.82
C LEU B 138 -9.34 -18.15 -19.24
N LYS B 139 -10.53 -18.74 -19.42
CA LYS B 139 -11.06 -18.87 -20.78
C LYS B 139 -12.01 -17.73 -21.06
N PRO B 140 -11.84 -17.01 -22.17
CA PRO B 140 -12.63 -15.78 -22.38
C PRO B 140 -14.13 -16.01 -22.43
N GLU B 141 -14.59 -17.07 -23.11
CA GLU B 141 -16.03 -17.30 -23.21
C GLU B 141 -16.65 -17.60 -21.85
N ASN B 142 -15.90 -18.23 -20.95
CA ASN B 142 -16.40 -18.44 -19.60
C ASN B 142 -16.41 -17.14 -18.81
N LEU B 143 -15.35 -16.34 -18.94
CA LEU B 143 -15.26 -15.09 -18.18
C LEU B 143 -16.27 -14.07 -18.66
N GLU B 144 -16.65 -14.11 -19.94
CA GLU B 144 -17.64 -13.17 -20.45
C GLU B 144 -19.01 -13.40 -19.82
N LYS B 145 -19.33 -14.66 -19.48
CA LYS B 145 -20.61 -14.95 -18.84
C LYS B 145 -20.56 -14.73 -17.33
N LEU B 146 -19.41 -14.96 -16.71
CA LEU B 146 -19.25 -14.68 -15.29
C LEU B 146 -19.06 -13.19 -15.00
N LYS B 147 -18.92 -12.37 -16.03
CA LYS B 147 -18.73 -10.93 -15.83
C LYS B 147 -19.90 -10.32 -15.06
N SER B 148 -21.11 -10.83 -15.28
CA SER B 148 -22.29 -10.20 -14.69
C SER B 148 -22.33 -10.36 -13.17
N CYS B 149 -21.70 -11.40 -12.63
CA CYS B 149 -21.72 -11.64 -11.20
C CYS B 149 -20.44 -11.21 -10.50
N GLY B 150 -19.46 -10.67 -11.23
CA GLY B 150 -18.28 -10.12 -10.60
C GLY B 150 -17.04 -10.97 -10.70
N VAL B 151 -15.99 -10.43 -11.33
CA VAL B 151 -14.72 -11.12 -11.48
C VAL B 151 -13.62 -10.21 -10.95
N SER B 152 -12.74 -10.76 -10.11
CA SER B 152 -11.61 -10.01 -9.57
C SER B 152 -10.34 -10.84 -9.68
N PHE B 153 -9.24 -10.17 -10.00
CA PHE B 153 -7.92 -10.77 -10.03
C PHE B 153 -7.06 -10.20 -8.92
N LEU B 154 -6.08 -10.97 -8.47
CA LEU B 154 -5.08 -10.44 -7.56
C LEU B 154 -4.29 -9.32 -8.23
N ASP B 155 -3.89 -8.34 -7.43
CA ASP B 155 -2.96 -7.30 -7.91
C ASP B 155 -1.52 -7.76 -7.68
N ALA B 156 -1.21 -8.93 -8.22
CA ALA B 156 0.08 -9.58 -8.06
C ALA B 156 0.53 -10.06 -9.43
N PRO B 157 1.29 -9.24 -10.17
CA PRO B 157 1.70 -9.64 -11.53
C PRO B 157 2.55 -10.89 -11.56
N GLU B 158 3.41 -11.08 -10.57
CA GLU B 158 4.30 -12.25 -10.57
C GLU B 158 3.50 -13.55 -10.47
N GLU B 159 2.43 -13.56 -9.69
CA GLU B 159 1.63 -14.76 -9.52
C GLU B 159 0.70 -15.00 -10.71
N VAL B 160 0.09 -13.94 -11.23
CA VAL B 160 -0.87 -14.09 -12.32
C VAL B 160 -0.15 -14.52 -13.60
N PHE B 161 0.97 -13.88 -13.92
CA PHE B 161 1.71 -14.24 -15.13
C PHE B 161 2.22 -15.67 -15.06
N ALA B 162 2.74 -16.08 -13.91
CA ALA B 162 3.19 -17.46 -13.74
C ALA B 162 2.03 -18.44 -13.89
N THR B 163 0.84 -18.05 -13.39
CA THR B 163 -0.34 -18.89 -13.54
C THR B 163 -0.78 -18.97 -15.00
N VAL B 164 -0.77 -17.84 -15.71
CA VAL B 164 -1.16 -17.83 -17.12
C VAL B 164 -0.18 -18.65 -17.95
N LEU B 165 1.12 -18.49 -17.68
CA LEU B 165 2.13 -19.24 -18.43
C LEU B 165 1.97 -20.74 -18.24
N ASN B 166 1.72 -21.17 -17.00
CA ASN B 166 1.48 -22.59 -16.74
C ASN B 166 0.20 -23.06 -17.43
N TYR B 167 -0.84 -22.21 -17.42
CA TYR B 167 -2.09 -22.57 -18.09
C TYR B 167 -1.88 -22.73 -19.59
N LEU B 168 -1.02 -21.90 -20.19
CA LEU B 168 -0.75 -21.96 -21.62
C LEU B 168 0.27 -23.03 -21.98
N GLY B 169 0.69 -23.86 -21.03
CA GLY B 169 1.66 -24.89 -21.31
C GLY B 169 3.10 -24.44 -21.29
N LYS B 170 3.36 -23.20 -20.90
CA LYS B 170 4.72 -22.67 -20.85
C LYS B 170 5.33 -22.93 -19.47
N ASP B 171 6.62 -22.64 -19.37
CA ASP B 171 7.31 -22.68 -18.08
C ASP B 171 6.72 -21.62 -17.17
N PRO B 172 6.21 -21.98 -16.00
CA PRO B 172 5.67 -20.97 -15.08
C PRO B 172 6.69 -19.89 -14.71
N ASN B 173 7.98 -20.22 -14.71
CA ASN B 173 9.04 -19.25 -14.46
C ASN B 173 9.85 -19.01 -15.72
N SER B 174 9.16 -18.81 -16.84
CA SER B 174 9.83 -18.61 -18.12
C SER B 174 10.72 -17.37 -18.08
N THR B 175 11.91 -17.50 -18.67
CA THR B 175 12.85 -16.41 -18.81
C THR B 175 12.85 -15.81 -20.21
N LYS B 176 11.86 -16.18 -21.03
CA LYS B 176 11.73 -15.68 -22.39
C LYS B 176 10.78 -14.49 -22.37
N ALA B 177 11.29 -13.32 -22.75
CA ALA B 177 10.49 -12.10 -22.66
C ALA B 177 9.26 -12.15 -23.56
N ASP B 178 9.38 -12.80 -24.73
CA ASP B 178 8.25 -12.87 -25.65
C ASP B 178 7.08 -13.68 -25.08
N ASP B 179 7.35 -14.59 -24.15
CA ASP B 179 6.26 -15.33 -23.51
C ASP B 179 5.35 -14.39 -22.72
N TYR B 180 5.92 -13.35 -22.10
CA TYR B 180 5.12 -12.42 -21.32
C TYR B 180 4.40 -11.41 -22.20
N THR B 181 5.13 -10.78 -23.13
CA THR B 181 4.52 -9.78 -24.01
C THR B 181 3.64 -10.40 -25.07
N GLY B 182 3.85 -11.67 -25.41
CA GLY B 182 3.08 -12.30 -26.45
C GLY B 182 1.83 -12.98 -25.95
N PRO B 183 1.87 -14.32 -25.84
CA PRO B 183 0.64 -15.05 -25.50
C PRO B 183 0.08 -14.73 -24.13
N ALA B 184 0.94 -14.50 -23.13
CA ALA B 184 0.45 -14.19 -21.79
C ALA B 184 -0.30 -12.86 -21.76
N THR B 185 0.28 -11.82 -22.38
CA THR B 185 -0.38 -10.52 -22.42
C THR B 185 -1.62 -10.58 -23.32
N ASP B 186 -1.54 -11.30 -24.44
CA ASP B 186 -2.68 -11.42 -25.33
C ASP B 186 -3.89 -12.02 -24.62
N LEU B 187 -3.67 -13.12 -23.90
CA LEU B 187 -4.77 -13.74 -23.17
C LEU B 187 -5.31 -12.82 -22.08
N LEU B 188 -4.42 -12.15 -21.34
CA LEU B 188 -4.86 -11.26 -20.28
C LEU B 188 -5.66 -10.09 -20.84
N LEU B 189 -5.28 -9.59 -22.01
CA LEU B 189 -6.02 -8.49 -22.63
C LEU B 189 -7.38 -8.95 -23.13
N LYS B 190 -7.49 -10.20 -23.56
CA LYS B 190 -8.80 -10.74 -23.94
C LYS B 190 -9.71 -10.89 -22.72
N LEU B 191 -9.13 -11.25 -21.57
CA LEU B 191 -9.90 -11.42 -20.35
C LEU B 191 -10.18 -10.11 -19.63
N ARG B 192 -9.41 -9.06 -19.93
CA ARG B 192 -9.51 -7.82 -19.16
C ARG B 192 -10.90 -7.20 -19.15
N PRO B 193 -11.62 -7.05 -20.27
CA PRO B 193 -12.92 -6.36 -20.21
C PRO B 193 -13.95 -7.03 -19.31
N ASN B 194 -13.71 -8.27 -18.87
CA ASN B 194 -14.64 -8.98 -18.00
C ASN B 194 -14.23 -8.94 -16.54
N ILE B 195 -13.07 -8.35 -16.21
CA ILE B 195 -12.59 -8.28 -14.84
C ILE B 195 -13.08 -6.97 -14.22
N ARG B 196 -13.66 -7.07 -13.02
CA ARG B 196 -14.21 -5.88 -12.37
C ARG B 196 -13.10 -5.04 -11.75
N TYR B 197 -12.18 -5.66 -11.02
CA TYR B 197 -11.10 -4.92 -10.40
C TYR B 197 -9.93 -5.85 -10.12
N PHE B 198 -8.75 -5.24 -9.93
CA PHE B 198 -7.55 -5.95 -9.52
C PHE B 198 -7.23 -5.54 -8.10
N HIS B 199 -7.30 -6.49 -7.17
CA HIS B 199 -7.06 -6.20 -5.77
C HIS B 199 -6.73 -7.51 -5.06
N SER B 200 -5.90 -7.41 -4.02
CA SER B 200 -5.37 -8.58 -3.33
C SER B 200 -5.99 -8.81 -1.96
N SER B 201 -7.07 -8.09 -1.63
CA SER B 201 -7.73 -8.29 -0.34
C SER B 201 -9.21 -7.98 -0.41
N GLN B 202 -9.60 -7.11 -1.35
CA GLN B 202 -11.01 -6.73 -1.46
C GLN B 202 -11.88 -7.91 -1.86
N TYR B 203 -11.32 -8.89 -2.57
CA TYR B 203 -12.11 -10.03 -3.02
C TYR B 203 -12.62 -10.89 -1.87
N ILE B 204 -11.99 -10.78 -0.70
CA ILE B 204 -12.40 -11.59 0.45
C ILE B 204 -13.81 -11.23 0.90
N ASN B 205 -14.02 -9.97 1.27
CA ASN B 205 -15.34 -9.54 1.70
C ASN B 205 -16.37 -9.62 0.56
N ASP B 206 -15.93 -9.34 -0.67
CA ASP B 206 -16.85 -9.42 -1.80
C ASP B 206 -17.31 -10.84 -2.07
N LEU B 207 -16.44 -11.83 -1.83
CA LEU B 207 -16.88 -13.22 -1.92
C LEU B 207 -17.84 -13.57 -0.79
N ALA B 208 -17.57 -13.06 0.42
CA ALA B 208 -18.39 -13.40 1.57
C ALA B 208 -19.81 -12.86 1.45
N ASN B 209 -19.96 -11.64 0.95
CA ASN B 209 -21.28 -11.02 0.85
C ASN B 209 -21.96 -11.30 -0.49
N GLY B 210 -21.26 -11.92 -1.44
CA GLY B 210 -21.86 -12.25 -2.72
C GLY B 210 -21.74 -11.19 -3.80
N ASP B 211 -20.88 -10.19 -3.60
CA ASP B 211 -20.73 -9.14 -4.62
C ASP B 211 -19.95 -9.64 -5.82
N ILE B 212 -19.06 -10.62 -5.64
CA ILE B 212 -18.33 -11.24 -6.74
C ILE B 212 -18.55 -12.75 -6.67
N CYS B 213 -18.47 -13.40 -7.83
CA CYS B 213 -18.73 -14.82 -7.95
C CYS B 213 -17.49 -15.66 -8.20
N VAL B 214 -16.39 -15.06 -8.64
CA VAL B 214 -15.16 -15.79 -8.92
C VAL B 214 -13.99 -14.84 -8.73
N ALA B 215 -12.87 -15.38 -8.23
CA ALA B 215 -11.73 -14.54 -7.90
C ALA B 215 -10.47 -15.39 -7.88
N ILE B 216 -9.39 -14.84 -8.42
CA ILE B 216 -8.05 -15.38 -8.16
C ILE B 216 -7.64 -14.92 -6.78
N GLY B 217 -7.35 -15.87 -5.89
CA GLY B 217 -7.03 -15.50 -4.53
C GLY B 217 -6.21 -16.56 -3.84
N TRP B 218 -5.70 -16.20 -2.67
CA TRP B 218 -4.92 -17.12 -1.86
C TRP B 218 -5.86 -18.00 -1.04
N ALA B 219 -5.45 -19.26 -0.85
CA ALA B 219 -6.33 -20.29 -0.30
C ALA B 219 -6.96 -19.86 1.01
N GLY B 220 -6.13 -19.56 2.02
CA GLY B 220 -6.65 -19.22 3.33
C GLY B 220 -7.56 -18.01 3.33
N ASP B 221 -7.30 -17.04 2.45
CA ASP B 221 -8.18 -15.89 2.33
C ASP B 221 -9.57 -16.31 1.85
N VAL B 222 -9.63 -17.20 0.85
CA VAL B 222 -10.92 -17.66 0.35
C VAL B 222 -11.66 -18.46 1.40
N TRP B 223 -10.95 -19.32 2.14
CA TRP B 223 -11.60 -20.10 3.19
C TRP B 223 -12.09 -19.20 4.32
N GLN B 224 -11.36 -18.13 4.62
CA GLN B 224 -11.86 -17.16 5.60
C GLN B 224 -13.11 -16.47 5.09
N ALA B 225 -13.15 -16.14 3.79
CA ALA B 225 -14.36 -15.58 3.21
C ALA B 225 -15.51 -16.57 3.29
N SER B 226 -15.23 -17.85 3.06
CA SER B 226 -16.27 -18.88 3.18
C SER B 226 -16.77 -18.99 4.61
N ASN B 227 -15.86 -18.97 5.59
CA ASN B 227 -16.26 -19.10 6.99
C ASN B 227 -17.03 -17.86 7.46
N ARG B 228 -16.63 -16.69 7.00
CA ARG B 228 -17.34 -15.47 7.39
C ARG B 228 -18.73 -15.41 6.77
N ALA B 229 -18.90 -16.00 5.58
CA ALA B 229 -20.24 -16.11 5.01
C ALA B 229 -21.10 -17.11 5.78
N LYS B 230 -20.49 -18.22 6.21
CA LYS B 230 -21.22 -19.22 6.98
C LYS B 230 -21.64 -18.67 8.35
N GLU B 231 -20.74 -17.94 9.02
CA GLU B 231 -21.06 -17.39 10.32
C GLU B 231 -22.15 -16.32 10.25
N ALA B 232 -22.30 -15.66 9.11
CA ALA B 232 -23.38 -14.69 8.94
C ALA B 232 -24.69 -15.34 8.52
N LYS B 233 -24.67 -16.59 8.06
CA LYS B 233 -25.86 -17.30 7.61
C LYS B 233 -26.60 -16.52 6.54
N ASN B 234 -25.84 -16.00 5.57
CA ASN B 234 -26.40 -15.22 4.47
C ASN B 234 -26.70 -16.07 3.24
N GLY B 235 -26.52 -17.39 3.32
CA GLY B 235 -26.78 -18.26 2.20
C GLY B 235 -25.70 -18.27 1.13
N VAL B 236 -24.61 -17.54 1.33
CA VAL B 236 -23.53 -17.50 0.35
C VAL B 236 -22.62 -18.71 0.56
N ASN B 237 -22.44 -19.50 -0.50
CA ASN B 237 -21.60 -20.69 -0.47
C ASN B 237 -20.34 -20.40 -1.27
N VAL B 238 -19.23 -20.22 -0.57
CA VAL B 238 -17.94 -19.92 -1.19
C VAL B 238 -17.03 -21.13 -1.03
N SER B 239 -16.37 -21.50 -2.13
CA SER B 239 -15.42 -22.61 -2.11
C SER B 239 -14.12 -22.15 -2.76
N PHE B 240 -13.10 -22.99 -2.62
CA PHE B 240 -11.78 -22.73 -3.19
C PHE B 240 -11.32 -23.97 -3.95
N SER B 241 -10.58 -23.73 -5.03
CA SER B 241 -10.18 -24.80 -5.92
C SER B 241 -8.71 -24.66 -6.30
N ILE B 242 -7.95 -25.73 -6.11
CA ILE B 242 -6.62 -25.86 -6.69
C ILE B 242 -6.80 -26.55 -8.03
N PRO B 243 -6.75 -25.82 -9.14
CA PRO B 243 -7.14 -26.40 -10.44
C PRO B 243 -6.26 -27.56 -10.84
N LYS B 244 -6.78 -28.35 -11.79
CA LYS B 244 -6.11 -29.57 -12.22
C LYS B 244 -4.80 -29.31 -12.96
N GLU B 245 -4.65 -28.14 -13.58
CA GLU B 245 -3.44 -27.82 -14.31
C GLU B 245 -2.28 -27.43 -13.40
N GLY B 246 -2.48 -27.40 -12.09
CA GLY B 246 -1.47 -26.94 -11.16
C GLY B 246 -1.73 -25.53 -10.69
N ALA B 247 -1.00 -25.14 -9.64
CA ALA B 247 -1.16 -23.83 -9.05
C ALA B 247 0.14 -23.42 -8.37
N MET B 248 0.30 -22.12 -8.19
CA MET B 248 1.47 -21.58 -7.51
C MET B 248 1.34 -21.76 -6.00
N ALA B 249 2.43 -22.16 -5.36
CA ALA B 249 2.52 -22.26 -3.92
C ALA B 249 3.44 -21.16 -3.40
N PHE B 250 3.10 -20.62 -2.22
CA PHE B 250 3.89 -19.58 -1.59
C PHE B 250 4.12 -19.94 -0.13
N PHE B 251 5.18 -19.36 0.45
CA PHE B 251 5.56 -19.62 1.83
C PHE B 251 5.82 -18.29 2.51
N ASP B 252 4.97 -17.94 3.47
CA ASP B 252 5.18 -16.75 4.29
C ASP B 252 6.05 -17.11 5.49
N VAL B 253 7.09 -16.31 5.71
CA VAL B 253 8.11 -16.62 6.70
C VAL B 253 8.32 -15.44 7.62
N PHE B 254 8.63 -15.74 8.88
CA PHE B 254 9.05 -14.71 9.82
C PHE B 254 10.53 -14.42 9.65
N ALA B 255 10.87 -13.14 9.68
CA ALA B 255 12.26 -12.72 9.51
C ALA B 255 12.55 -11.58 10.47
N MET B 256 13.83 -11.43 10.81
CA MET B 256 14.26 -10.41 11.76
C MET B 256 15.12 -9.37 11.05
N PRO B 257 14.66 -8.13 10.93
CA PRO B 257 15.49 -7.09 10.30
C PRO B 257 16.80 -6.92 11.05
N ALA B 258 17.85 -6.55 10.30
CA ALA B 258 19.17 -6.40 10.88
C ALA B 258 19.24 -5.29 11.93
N ASP B 259 18.31 -4.33 11.87
CA ASP B 259 18.27 -3.22 12.81
C ASP B 259 17.23 -3.42 13.91
N ALA B 260 16.76 -4.66 14.12
CA ALA B 260 15.80 -4.91 15.18
C ALA B 260 16.38 -4.53 16.54
N LYS B 261 15.55 -3.91 17.36
CA LYS B 261 16.01 -3.37 18.64
C LYS B 261 15.98 -4.41 19.76
N ASN B 262 14.87 -5.12 19.91
CA ASN B 262 14.68 -6.08 20.99
C ASN B 262 14.74 -7.48 20.38
N LYS B 263 15.96 -7.94 20.09
CA LYS B 263 16.14 -9.23 19.43
C LYS B 263 15.81 -10.39 20.37
N ASP B 264 16.15 -10.26 21.65
CA ASP B 264 15.86 -11.32 22.61
C ASP B 264 14.36 -11.57 22.71
N GLU B 265 13.57 -10.50 22.78
CA GLU B 265 12.12 -10.65 22.81
C GLU B 265 11.61 -11.27 21.52
N ALA B 266 12.23 -10.92 20.39
CA ALA B 266 11.82 -11.50 19.10
C ALA B 266 12.06 -13.00 19.06
N TYR B 267 13.21 -13.45 19.56
CA TYR B 267 13.49 -14.89 19.60
C TYR B 267 12.50 -15.63 20.50
N GLN B 268 12.07 -14.99 21.59
CA GLN B 268 11.08 -15.61 22.46
C GLN B 268 9.76 -15.80 21.73
N PHE B 269 9.40 -14.86 20.86
CA PHE B 269 8.15 -14.98 20.11
C PHE B 269 8.24 -16.00 19.00
N LEU B 270 9.40 -16.08 18.33
CA LEU B 270 9.58 -17.07 17.27
C LEU B 270 9.52 -18.49 17.84
N ASN B 271 10.23 -18.73 18.94
CA ASN B 271 10.17 -20.03 19.58
C ASN B 271 8.78 -20.32 20.13
N TYR B 272 8.05 -19.27 20.52
CA TYR B 272 6.67 -19.44 20.95
C TYR B 272 5.79 -19.93 19.80
N LEU B 273 5.98 -19.37 18.60
CA LEU B 273 5.23 -19.82 17.43
C LEU B 273 5.63 -21.22 17.00
N LEU B 274 6.84 -21.66 17.34
CA LEU B 274 7.30 -23.00 16.99
C LEU B 274 6.71 -24.08 17.88
N ARG B 275 6.06 -23.71 18.97
CA ARG B 275 5.39 -24.69 19.81
C ARG B 275 4.17 -25.23 19.07
N PRO B 276 3.98 -26.55 19.02
CA PRO B 276 2.91 -27.12 18.16
C PRO B 276 1.52 -26.62 18.50
N ASP B 277 1.18 -26.50 19.78
CA ASP B 277 -0.16 -26.07 20.15
C ASP B 277 -0.42 -24.62 19.78
N VAL B 278 0.62 -23.79 19.77
CA VAL B 278 0.44 -22.37 19.47
C VAL B 278 0.10 -22.16 18.00
N VAL B 279 0.90 -22.74 17.11
CA VAL B 279 0.71 -22.49 15.68
C VAL B 279 -0.45 -23.31 15.13
N ALA B 280 -0.78 -24.45 15.74
CA ALA B 280 -1.97 -25.18 15.33
C ALA B 280 -3.23 -24.39 15.64
N HIS B 281 -3.25 -23.68 16.77
CA HIS B 281 -4.39 -22.84 17.11
C HIS B 281 -4.55 -21.69 16.12
N ILE B 282 -3.44 -21.18 15.59
CA ILE B 282 -3.51 -20.13 14.58
C ILE B 282 -4.12 -20.67 13.29
N SER B 283 -3.67 -21.85 12.86
CA SER B 283 -4.24 -22.46 11.66
C SER B 283 -5.73 -22.70 11.78
N ASP B 284 -6.22 -22.96 13.00
CA ASP B 284 -7.65 -23.17 13.19
C ASP B 284 -8.45 -21.91 12.88
N HIS B 285 -7.85 -20.74 13.07
CA HIS B 285 -8.57 -19.48 12.92
C HIS B 285 -8.33 -18.78 11.59
N VAL B 286 -7.15 -18.93 10.99
CA VAL B 286 -6.84 -18.27 9.73
C VAL B 286 -6.98 -19.19 8.53
N PHE B 287 -7.20 -20.49 8.75
CA PHE B 287 -7.42 -21.45 7.66
C PHE B 287 -6.22 -21.51 6.72
N TYR B 288 -5.03 -21.39 7.28
CA TYR B 288 -3.77 -21.56 6.55
C TYR B 288 -3.03 -22.75 7.12
N ALA B 289 -2.42 -23.54 6.24
CA ALA B 289 -1.56 -24.63 6.70
C ALA B 289 -0.26 -24.06 7.25
N ASN B 290 0.07 -24.46 8.48
CA ASN B 290 1.32 -24.03 9.10
C ASN B 290 2.44 -24.99 8.71
N ALA B 291 3.67 -24.49 8.82
CA ALA B 291 4.86 -25.25 8.44
C ALA B 291 5.40 -26.11 9.59
N ASN B 292 4.59 -26.36 10.62
CA ASN B 292 5.02 -27.13 11.78
C ASN B 292 4.47 -28.55 11.64
N LYS B 293 5.37 -29.52 11.44
CA LYS B 293 4.94 -30.90 11.24
C LYS B 293 4.37 -31.49 12.52
N ALA B 294 4.91 -31.11 13.68
CA ALA B 294 4.40 -31.63 14.94
C ALA B 294 3.03 -31.06 15.29
N ALA B 295 2.64 -29.93 14.70
CA ALA B 295 1.36 -29.31 15.02
C ALA B 295 0.21 -29.86 14.19
N THR B 296 0.49 -30.56 13.10
CA THR B 296 -0.56 -31.04 12.20
C THR B 296 -1.61 -31.90 12.89
N PRO B 297 -1.27 -32.88 13.73
CA PRO B 297 -2.33 -33.63 14.42
C PRO B 297 -3.16 -32.77 15.37
N LEU B 298 -2.67 -31.61 15.77
CA LEU B 298 -3.39 -30.73 16.67
C LEU B 298 -4.38 -29.81 15.97
N VAL B 299 -4.17 -29.56 14.67
CA VAL B 299 -5.07 -28.70 13.92
C VAL B 299 -6.45 -29.36 13.82
N SER B 300 -7.50 -28.52 13.83
CA SER B 300 -8.86 -29.02 13.79
C SER B 300 -9.11 -29.82 12.50
N ALA B 301 -10.02 -30.79 12.59
CA ALA B 301 -10.28 -31.67 11.46
C ALA B 301 -10.82 -30.91 10.26
N GLU B 302 -11.62 -29.89 10.49
CA GLU B 302 -12.18 -29.13 9.37
C GLU B 302 -11.10 -28.40 8.59
N VAL B 303 -9.97 -28.09 9.21
CA VAL B 303 -8.85 -27.46 8.55
C VAL B 303 -7.80 -28.46 8.10
N ARG B 304 -7.51 -29.46 8.95
CA ARG B 304 -6.49 -30.45 8.62
C ARG B 304 -6.91 -31.30 7.42
N GLU B 305 -8.17 -31.69 7.36
CA GLU B 305 -8.66 -32.60 6.32
C GLU B 305 -9.13 -31.86 5.07
N ASN B 306 -8.98 -30.54 5.01
CA ASN B 306 -9.36 -29.77 3.83
C ASN B 306 -8.24 -29.87 2.79
N PRO B 307 -8.48 -30.52 1.65
CA PRO B 307 -7.43 -30.61 0.63
C PRO B 307 -7.10 -29.28 -0.03
N GLY B 308 -7.88 -28.23 0.24
CA GLY B 308 -7.53 -26.90 -0.20
C GLY B 308 -6.66 -26.13 0.76
N ILE B 309 -6.42 -26.68 1.95
CA ILE B 309 -5.53 -26.10 2.94
C ILE B 309 -4.30 -26.99 3.16
N TYR B 310 -4.53 -28.26 3.46
CA TYR B 310 -3.46 -29.26 3.51
C TYR B 310 -3.62 -30.21 2.33
N PRO B 311 -3.10 -29.86 1.15
CA PRO B 311 -3.37 -30.66 -0.03
C PRO B 311 -2.64 -32.00 0.04
N PRO B 312 -3.20 -33.05 -0.56
CA PRO B 312 -2.52 -34.35 -0.55
C PRO B 312 -1.32 -34.39 -1.48
N ALA B 313 -0.61 -35.53 -1.49
CA ALA B 313 0.64 -35.61 -2.25
C ALA B 313 0.40 -35.45 -3.75
N ASP B 314 -0.67 -36.06 -4.27
CA ASP B 314 -0.92 -35.96 -5.71
C ASP B 314 -1.29 -34.54 -6.13
N VAL B 315 -1.81 -33.73 -5.20
CA VAL B 315 -2.08 -32.33 -5.51
C VAL B 315 -0.81 -31.50 -5.35
N ARG B 316 -0.01 -31.78 -4.31
CA ARG B 316 1.24 -31.06 -4.12
C ARG B 316 2.21 -31.30 -5.27
N ALA B 317 2.11 -32.45 -5.94
CA ALA B 317 2.97 -32.73 -7.07
C ALA B 317 2.73 -31.80 -8.25
N LYS B 318 1.57 -31.16 -8.32
CA LYS B 318 1.24 -30.23 -9.40
C LYS B 318 1.52 -28.78 -9.04
N LEU B 319 2.04 -28.52 -7.84
CA LEU B 319 2.32 -27.15 -7.41
C LEU B 319 3.70 -26.71 -7.86
N PHE B 320 3.81 -25.44 -8.23
CA PHE B 320 5.08 -24.82 -8.58
C PHE B 320 5.32 -23.60 -7.71
N THR B 321 6.57 -23.16 -7.66
CA THR B 321 6.97 -21.98 -6.90
C THR B 321 7.66 -20.98 -7.82
N LEU B 322 7.65 -19.71 -7.39
CA LEU B 322 8.27 -18.65 -8.17
C LEU B 322 9.78 -18.66 -7.99
N LYS B 323 10.49 -18.44 -9.09
CA LYS B 323 11.91 -18.18 -9.09
C LYS B 323 12.14 -16.70 -9.39
N VAL B 324 13.16 -16.12 -8.76
CA VAL B 324 13.42 -14.70 -8.93
C VAL B 324 13.94 -14.44 -10.33
N GLN B 325 13.30 -13.51 -11.03
CA GLN B 325 13.64 -13.19 -12.41
C GLN B 325 14.68 -12.07 -12.46
N ASP B 326 15.38 -12.00 -13.60
CA ASP B 326 16.34 -10.94 -13.82
C ASP B 326 15.62 -9.62 -14.12
N PRO B 327 16.33 -8.49 -14.03
CA PRO B 327 15.65 -7.19 -14.24
C PRO B 327 14.93 -7.05 -15.57
N LYS B 328 15.42 -7.66 -16.65
CA LYS B 328 14.76 -7.52 -17.93
C LYS B 328 13.39 -8.19 -17.95
N ILE B 329 13.27 -9.37 -17.33
CA ILE B 329 11.98 -10.04 -17.26
C ILE B 329 11.07 -9.33 -16.27
N ASP B 330 11.62 -8.90 -15.14
CA ASP B 330 10.82 -8.16 -14.16
C ASP B 330 10.28 -6.86 -14.76
N ARG B 331 11.10 -6.17 -15.55
CA ARG B 331 10.64 -4.95 -16.20
C ARG B 331 9.56 -5.24 -17.24
N VAL B 332 9.80 -6.27 -18.07
CA VAL B 332 8.82 -6.64 -19.08
C VAL B 332 7.51 -7.08 -18.46
N ARG B 333 7.60 -7.92 -17.42
CA ARG B 333 6.39 -8.42 -16.77
C ARG B 333 5.60 -7.30 -16.10
N THR B 334 6.29 -6.35 -15.48
CA THR B 334 5.60 -5.24 -14.82
C THR B 334 4.95 -4.30 -15.84
N ARG B 335 5.65 -4.02 -16.95
CA ARG B 335 5.08 -3.12 -17.95
C ARG B 335 3.85 -3.74 -18.61
N ALA B 336 3.88 -5.04 -18.87
CA ALA B 336 2.72 -5.71 -19.45
C ALA B 336 1.55 -5.74 -18.46
N TRP B 337 1.86 -5.89 -17.17
CA TRP B 337 0.80 -5.90 -16.16
C TRP B 337 0.10 -4.55 -16.09
N THR B 338 0.85 -3.46 -16.23
CA THR B 338 0.26 -2.13 -16.23
C THR B 338 -0.67 -1.96 -17.44
N LYS B 339 -0.29 -2.52 -18.58
CA LYS B 339 -1.14 -2.46 -19.76
C LYS B 339 -2.45 -3.19 -19.52
N VAL B 340 -2.39 -4.35 -18.85
CA VAL B 340 -3.59 -5.14 -18.61
C VAL B 340 -4.56 -4.38 -17.71
N LYS B 341 -4.05 -3.83 -16.60
CA LYS B 341 -4.93 -3.12 -15.67
C LYS B 341 -5.53 -1.85 -16.26
N SER B 342 -4.90 -1.29 -17.31
CA SER B 342 -5.41 -0.07 -17.93
C SER B 342 -6.45 -0.40 -19.00
N GLY B 343 -6.05 -0.31 -20.26
CA GLY B 343 -6.95 -0.59 -21.36
C GLY B 343 -6.80 0.38 -22.52
N1 SPM C . -7.21 10.81 -3.42
C2 SPM C . -7.33 12.22 -3.12
C3 SPM C . -6.21 12.94 -3.86
C4 SPM C . -4.83 12.37 -3.52
N5 SPM C . -3.81 13.39 -3.58
C6 SPM C . -2.42 13.05 -3.36
C7 SPM C . -1.58 14.16 -2.75
C8 SPM C . -0.21 13.65 -2.34
C9 SPM C . -0.01 13.87 -0.83
N10 SPM C . 1.35 13.67 -0.38
C11 SPM C . 1.69 13.91 1.01
C12 SPM C . 3.09 14.49 1.15
C13 SPM C . 4.00 13.48 1.85
N14 SPM C . 5.22 14.13 2.30
C1 EDO D . 21.31 17.67 25.64
O1 EDO D . 20.18 17.77 26.50
C2 EDO D . 20.87 17.93 24.20
O2 EDO D . 22.00 17.81 23.33
C1 EDO E . -10.53 14.06 -10.88
O1 EDO E . -11.57 14.65 -10.09
C2 EDO E . -10.45 12.56 -10.57
O2 EDO E . -9.63 11.91 -11.56
C1 EDO F . 11.22 12.73 6.53
O1 EDO F . 12.31 12.64 7.46
C2 EDO F . 11.38 11.66 5.45
O2 EDO F . 10.28 11.71 4.55
C1 EDO G . -24.52 11.88 10.04
O1 EDO G . -24.88 12.43 11.32
C2 EDO G . -23.74 12.92 9.25
O2 EDO G . -24.55 14.08 9.06
C1 EDO H . 20.69 15.61 -0.97
O1 EDO H . 20.23 16.95 -0.81
C2 EDO H . 20.27 15.09 -2.34
O2 EDO H . 20.75 13.74 -2.51
C1 PEG I . -18.95 30.81 22.88
O1 PEG I . -18.69 29.67 23.65
C2 PEG I . -19.50 30.39 21.51
O2 PEG I . -20.56 29.47 21.68
C3 PEG I . -21.63 29.69 20.82
C4 PEG I . -22.63 28.54 20.96
O4 PEG I . -22.37 27.83 22.13
C1 PGE J . -11.88 37.49 -10.63
O1 PGE J . -10.50 37.79 -10.64
C2 PGE J . -12.10 36.17 -11.33
O2 PGE J . -11.50 36.25 -12.61
C3 PGE J . -12.15 35.48 -13.62
C4 PGE J . -11.77 34.02 -13.46
O4 PGE J . -14.69 31.25 -12.39
C6 PGE J . -14.06 31.15 -13.66
C5 PGE J . -12.74 31.88 -13.62
O3 PGE J . -12.95 33.25 -13.32
S SO4 K . -21.68 15.69 16.70
O1 SO4 K . -21.11 15.01 17.86
O2 SO4 K . -20.68 16.58 16.12
O3 SO4 K . -22.08 14.70 15.70
O4 SO4 K . -22.83 16.48 17.11
S SO4 L . 5.80 -0.50 -24.50
O1 SO4 L . 6.54 -1.57 -23.84
O2 SO4 L . 6.72 0.28 -25.34
O3 SO4 L . 5.21 0.38 -23.49
O4 SO4 L . 4.75 -1.07 -25.33
S SO4 M . 11.04 -0.16 23.01
O1 SO4 M . 11.92 0.75 22.29
O2 SO4 M . 11.84 -1.15 23.72
O3 SO4 M . 10.17 -0.85 22.06
O4 SO4 M . 10.23 0.59 23.96
CL CL N . 4.01 29.53 -25.39
CL CL O . -18.69 20.40 29.26
CL CL P . -7.82 8.87 -11.06
CL CL Q . 2.61 9.52 2.06
C1 EDO R . -11.76 37.50 7.10
O1 EDO R . -12.15 37.65 5.74
C2 EDO R . -11.86 36.03 7.52
O2 EDO R . -10.98 35.24 6.70
C1 EDO S . 10.09 15.28 11.39
O1 EDO S . 10.00 15.45 12.81
C2 EDO S . 11.55 15.40 10.95
O2 EDO S . 11.64 15.21 9.54
C1 EDO T . 1.57 29.13 -6.52
O1 EDO T . 2.01 27.77 -6.56
C2 EDO T . 2.59 30.01 -7.24
O2 EDO T . 2.74 29.56 -8.60
C1 EDO U . -15.05 3.09 23.03
O1 EDO U . -15.92 3.88 22.21
C2 EDO U . -13.78 3.88 23.33
O2 EDO U . -13.12 4.21 22.10
N1 SPM V . -7.72 -10.09 6.55
C2 SPM V . -7.66 -10.71 5.24
C3 SPM V . -6.25 -10.59 4.68
C4 SPM V . -5.61 -11.96 4.54
N5 SPM V . -4.18 -11.90 4.80
C6 SPM V . -3.35 -13.08 4.67
C7 SPM V . -2.40 -13.09 3.47
C8 SPM V . -1.46 -14.29 3.59
C9 SPM V . -0.72 -14.63 2.29
N10 SPM V . 0.48 -13.83 2.07
C11 SPM V . 1.34 -14.07 0.93
C12 SPM V . 0.74 -13.58 -0.38
C13 SPM V . 1.75 -13.57 -1.52
N14 SPM V . 2.19 -14.92 -1.81
C1 GOL W . -13.23 -23.91 6.09
O1 GOL W . -12.75 -25.15 6.52
C2 GOL W . -14.76 -23.90 6.35
O2 GOL W . -15.23 -22.62 6.57
C3 GOL W . -15.37 -24.55 5.09
O3 GOL W . -15.42 -23.56 4.11
C1 EDO X . 14.61 -12.03 -24.13
O1 EDO X . 15.10 -12.80 -23.03
C2 EDO X . 13.73 -12.93 -25.00
O2 EDO X . 12.97 -12.13 -25.92
C1 EDO Y . 9.62 -13.06 -7.34
O1 EDO Y . 10.00 -12.20 -6.26
C2 EDO Y . 9.96 -12.38 -8.66
O2 EDO Y . 9.63 -13.26 -9.75
O1 PG4 Z . 13.80 -3.63 -20.80
C1 PG4 Z . 12.60 -3.10 -21.32
C2 PG4 Z . 12.92 -1.89 -22.21
O2 PG4 Z . 14.06 -1.25 -21.73
C3 PG4 Z . 14.89 -0.75 -22.75
C4 PG4 Z . 16.15 -1.62 -22.87
O3 PG4 Z . 15.80 -2.97 -22.99
C5 PG4 Z . 16.66 -3.85 -22.33
C6 PG4 Z . 17.35 -4.75 -23.36
O4 PG4 Z . 18.47 -5.35 -22.79
C7 PG4 Z . 19.49 -4.44 -22.46
C8 PG4 Z . 20.05 -3.84 -23.75
O5 PG4 Z . 20.18 -2.45 -23.59
C1 PGE AA . -9.21 -35.58 15.45
O1 PGE AA . -8.38 -36.39 16.27
C2 PGE AA . -9.33 -34.20 16.07
O2 PGE AA . -10.58 -33.65 15.69
C3 PGE AA . -10.72 -32.27 15.99
C4 PGE AA . -12.04 -31.82 15.40
O4 PGE AA . -13.91 -29.72 13.14
C6 PGE AA . -13.66 -29.00 14.33
C5 PGE AA . -13.52 -30.00 15.47
O3 PGE AA . -12.18 -30.42 15.54
C1 PEG BA . 2.47 -32.64 8.21
O1 PEG BA . 1.91 -33.18 7.04
C2 PEG BA . 3.57 -31.62 7.86
O2 PEG BA . 3.08 -30.71 6.92
C3 PEG BA . 2.87 -29.41 7.41
C4 PEG BA . 2.49 -28.51 6.25
O4 PEG BA . 2.13 -29.28 5.15
S SO4 CA . -2.53 -34.12 5.91
O1 SO4 CA . -1.80 -35.35 6.23
O2 SO4 CA . -1.60 -33.12 5.42
O3 SO4 CA . -3.19 -33.63 7.12
O4 SO4 CA . -3.53 -34.41 4.89
S SO4 DA . 0.10 -37.31 2.10
O1 SO4 DA . 0.44 -38.59 2.70
O2 SO4 DA . 1.33 -36.53 1.89
O3 SO4 DA . -0.78 -36.57 3.00
O4 SO4 DA . -0.58 -37.52 0.82
CL CL EA . 18.42 -7.29 22.53
CL CL FA . 22.60 -5.86 17.43
CL CL GA . 6.94 -17.50 -1.50
C1 EDO HA . -4.09 -36.57 -10.74
O1 EDO HA . -5.09 -36.80 -11.74
C2 EDO HA . -2.79 -37.26 -11.16
O2 EDO HA . -1.78 -37.00 -10.18
C1 EDO IA . 4.85 -17.92 -29.21
O1 EDO IA . 3.92 -19.01 -29.16
C2 EDO IA . 5.45 -17.70 -27.83
O2 EDO IA . 6.36 -16.59 -27.87
C1 EDO JA . 9.69 -26.89 -8.04
O1 EDO JA . 9.59 -26.11 -6.86
C2 EDO JA . 8.65 -26.44 -9.06
O2 EDO JA . 8.90 -25.07 -9.42
C1 EDO KA . -8.68 -27.93 -3.66
O1 EDO KA . -9.93 -27.67 -3.01
C2 EDO KA . -8.75 -29.14 -4.60
O2 EDO KA . -9.76 -29.00 -5.60
#